data_7PI6
#
_entry.id   7PI6
#
_cell.length_a   51.947
_cell.length_b   189.578
_cell.length_c   73.880
_cell.angle_alpha   90.000
_cell.angle_beta   90.110
_cell.angle_gamma   90.000
#
_symmetry.space_group_name_H-M   'P 1 21 1'
#
loop_
_entity.id
_entity.type
_entity.pdbx_description
1 polymer '65 kDa invariant surface glycoprotein'
2 polymer 'Complement C3dg fragment'
3 non-polymer GLYCEROL
4 non-polymer 2-(2-METHOXYETHOXY)ETHANOL
5 water water
#
loop_
_entity_poly.entity_id
_entity_poly.type
_entity_poly.pdbx_seq_one_letter_code
_entity_poly.pdbx_strand_id
1 'polypeptide(L)'
;AAEDNRVPGDKNLTKEGAAALCKMKHLADKVAEKRSQELKDRTQNFAGYIEFELYRIDYWLEKLNGPKGRKDGYAKLSDS
DIEKVKEIFDKAKDGIAKQLPEAKKAGEDAEKLHTEVKEAAANARGQDLDDHKQKSTGLYRVLNWYCITKEESHNATPNC
DGIQFRNHYLSVNRSAIDCSSTGYEENYDWSANALQVALNSWENVKPKKLESAGSDENCNIGQSSESHPCTMTEEWQTHY
KETVKKLKELEGAHEKGRRAHDAMLGYANTAYAVNTKVEQEKPLAEVIAAAKEAGKKGAKIIIPAAAPVTPTNSTKNEDS
APTEHVDRGIATNETQVEVGIDADFDGLLEAAEAAEVTRRHQKTGSGSGSASGGLNDIFEAQKIEWHEGGHHHHHHHHHH
;
A,C
2 'polypeptide(L)'
;GDAERLKHLIVTPSGAGEQNMIGMTPTVIAVHYLDETEQWEKFGLEKRQGALELIKKGYTQQLAFRQPSSAFAAFVKRAP
STWLTAYVVKVFSLAVNLIAIDSQVLCGAVKWLILEKQKPDGVFQEDAPVIHQEMIGGLRNNNEKDMALTAFVLISLQEA
KDICEEQVNSLPGSITKAGDFLEANYMNLQRSYTVAIAGYALAQMGRLKGPLLNKFLTTAKDKNRWEDPGKQLYNVEATS
YALLALLQLKDFDFVPPVVRWLNEQRYYGGGYGSTQATFMVFQALAQYQKDAP
;
B,D
#
loop_
_chem_comp.id
_chem_comp.type
_chem_comp.name
_chem_comp.formula
GOL non-polymer GLYCEROL 'C3 H8 O3'
PG0 non-polymer 2-(2-METHOXYETHOXY)ETHANOL 'C5 H12 O3'
#
# COMPACT_ATOMS: atom_id res chain seq x y z
N ARG A 6 -3.94 11.44 57.86
CA ARG A 6 -3.76 12.56 58.79
C ARG A 6 -2.79 12.25 59.91
N VAL A 7 -1.66 12.94 59.93
CA VAL A 7 -0.58 12.75 60.91
C VAL A 7 -0.19 14.12 61.53
N PRO A 8 0.29 14.19 62.79
CA PRO A 8 0.67 15.49 63.36
C PRO A 8 1.94 16.07 62.71
N GLY A 9 1.97 17.38 62.54
CA GLY A 9 3.10 18.07 61.94
C GLY A 9 3.60 19.26 62.75
N ASP A 10 4.58 20.02 62.19
CA ASP A 10 5.19 21.18 62.87
C ASP A 10 4.65 22.55 62.46
N LYS A 11 4.29 22.72 61.18
CA LYS A 11 3.84 24.01 60.67
C LYS A 11 2.40 23.97 60.17
N ASN A 12 1.75 25.14 60.14
CA ASN A 12 0.41 25.26 59.59
C ASN A 12 0.54 25.29 58.06
N LEU A 13 -0.50 24.81 57.35
CA LEU A 13 -0.49 24.87 55.89
C LEU A 13 -0.68 26.34 55.47
N THR A 14 0.13 26.82 54.50
CA THR A 14 0.07 28.21 54.03
C THR A 14 -0.73 28.33 52.71
N LYS A 15 -0.99 29.57 52.23
CA LYS A 15 -1.67 29.79 50.95
C LYS A 15 -0.89 29.14 49.81
N GLU A 16 0.45 29.25 49.83
CA GLU A 16 1.32 28.65 48.81
C GLU A 16 1.40 27.11 48.87
N GLY A 17 0.93 26.52 49.98
CA GLY A 17 0.85 25.09 50.19
C GLY A 17 -0.48 24.54 49.71
N ALA A 18 -1.56 25.31 49.92
CA ALA A 18 -2.89 24.94 49.45
C ALA A 18 -2.96 25.08 47.92
N ALA A 19 -2.29 26.08 47.35
CA ALA A 19 -2.26 26.30 45.92
C ALA A 19 -1.42 25.25 45.19
N ALA A 20 -0.34 24.78 45.82
CA ALA A 20 0.51 23.75 45.24
C ALA A 20 -0.25 22.43 45.15
N LEU A 21 -1.11 22.13 46.14
CA LEU A 21 -1.93 20.92 46.17
C LEU A 21 -3.00 20.98 45.10
N CYS A 22 -3.59 22.17 44.85
CA CYS A 22 -4.62 22.40 43.83
C CYS A 22 -4.06 22.27 42.43
N LYS A 23 -2.80 22.67 42.24
CA LYS A 23 -2.10 22.62 40.96
C LYS A 23 -1.69 21.20 40.63
N MET A 24 -1.21 20.44 41.61
CA MET A 24 -0.81 19.05 41.39
C MET A 24 -2.04 18.19 41.07
N LYS A 25 -3.20 18.49 41.68
CA LYS A 25 -4.42 17.73 41.39
C LYS A 25 -4.92 18.08 39.99
N HIS A 26 -4.85 19.38 39.63
CA HIS A 26 -5.25 19.93 38.33
C HIS A 26 -4.39 19.39 37.18
N LEU A 27 -3.06 19.36 37.35
CA LEU A 27 -2.09 18.83 36.39
C LEU A 27 -2.33 17.35 36.16
N ALA A 28 -2.56 16.60 37.23
CA ALA A 28 -2.87 15.18 37.12
C ALA A 28 -4.21 14.97 36.43
N ASP A 29 -5.17 15.86 36.65
CA ASP A 29 -6.48 15.75 35.99
C ASP A 29 -6.36 16.02 34.50
N LYS A 30 -5.62 17.07 34.11
CA LYS A 30 -5.43 17.40 32.70
C LYS A 30 -4.58 16.35 31.98
N VAL A 31 -3.65 15.69 32.68
CA VAL A 31 -2.83 14.62 32.10
C VAL A 31 -3.69 13.35 31.88
N ALA A 32 -4.47 12.96 32.91
CA ALA A 32 -5.31 11.76 32.82
C ALA A 32 -6.49 11.89 31.85
N GLU A 33 -7.11 13.08 31.77
CA GLU A 33 -8.24 13.28 30.87
C GLU A 33 -7.90 13.87 29.47
N LYS A 34 -6.80 14.66 29.31
CA LYS A 34 -6.50 15.29 28.03
C LYS A 34 -5.09 15.07 27.41
N ARG A 35 -4.02 15.48 28.10
CA ARG A 35 -2.65 15.43 27.60
C ARG A 35 -2.20 14.07 27.09
N SER A 36 -2.37 13.01 27.91
CA SER A 36 -1.99 11.63 27.60
C SER A 36 -2.49 11.18 26.24
N GLN A 37 -3.79 11.43 25.95
CA GLN A 37 -4.44 11.08 24.68
C GLN A 37 -3.85 11.90 23.54
N GLU A 38 -3.55 13.19 23.79
CA GLU A 38 -2.94 14.06 22.77
C GLU A 38 -1.56 13.52 22.37
N LEU A 39 -0.71 13.16 23.35
CA LEU A 39 0.62 12.63 23.05
C LEU A 39 0.57 11.32 22.30
N LYS A 40 -0.41 10.47 22.60
CA LYS A 40 -0.57 9.18 21.90
C LYS A 40 -1.03 9.41 20.46
N ASP A 41 -2.12 10.19 20.27
CA ASP A 41 -2.63 10.46 18.94
C ASP A 41 -1.58 11.09 18.03
N ARG A 42 -0.88 12.12 18.52
CA ARG A 42 0.14 12.83 17.75
C ARG A 42 1.37 12.00 17.45
N THR A 43 1.73 11.05 18.30
CA THR A 43 2.89 10.19 18.04
C THR A 43 2.53 9.12 17.01
N GLN A 44 1.33 8.55 17.12
CA GLN A 44 0.87 7.53 16.20
C GLN A 44 0.51 8.09 14.80
N ASN A 45 0.19 9.39 14.70
CA ASN A 45 -0.10 10.00 13.41
C ASN A 45 1.16 10.12 12.55
N PHE A 46 2.34 10.33 13.19
CA PHE A 46 3.63 10.45 12.50
C PHE A 46 3.93 9.27 11.57
N ALA A 47 3.70 8.03 12.04
CA ALA A 47 3.94 6.84 11.22
C ALA A 47 2.98 6.76 10.04
N GLY A 48 1.76 7.25 10.22
CA GLY A 48 0.76 7.29 9.17
C GLY A 48 1.07 8.29 8.10
N TYR A 49 1.76 9.40 8.45
CA TYR A 49 2.12 10.40 7.45
C TYR A 49 3.26 9.88 6.58
N ILE A 50 4.24 9.17 7.19
CA ILE A 50 5.38 8.58 6.51
C ILE A 50 4.92 7.51 5.52
N GLU A 51 3.94 6.70 5.93
CA GLU A 51 3.40 5.66 5.05
C GLU A 51 2.63 6.30 3.91
N PHE A 52 1.91 7.40 4.17
CA PHE A 52 1.17 8.10 3.12
C PHE A 52 2.09 8.59 2.03
N GLU A 53 3.26 9.12 2.39
CA GLU A 53 4.19 9.62 1.38
C GLU A 53 4.76 8.48 0.51
N LEU A 54 4.82 7.24 1.04
CA LEU A 54 5.28 6.08 0.27
C LEU A 54 4.20 5.65 -0.72
N TYR A 55 2.95 5.61 -0.24
CA TYR A 55 1.75 5.23 -1.00
C TYR A 55 1.50 6.25 -2.12
N ARG A 56 1.70 7.55 -1.81
CA ARG A 56 1.51 8.68 -2.70
C ARG A 56 2.56 8.70 -3.81
N ILE A 57 3.85 8.44 -3.50
CA ILE A 57 4.88 8.38 -4.53
C ILE A 57 4.59 7.25 -5.49
N ASP A 58 4.04 6.11 -4.99
CA ASP A 58 3.67 4.94 -5.79
C ASP A 58 2.61 5.30 -6.84
N TYR A 59 1.63 6.11 -6.41
CA TYR A 59 0.56 6.59 -7.28
C TYR A 59 1.12 7.52 -8.38
N TRP A 60 2.16 8.30 -8.08
CA TRP A 60 2.82 9.12 -9.09
C TRP A 60 3.67 8.25 -10.04
N LEU A 61 4.24 7.15 -9.51
CA LEU A 61 5.00 6.20 -10.30
C LEU A 61 4.08 5.48 -11.30
N GLU A 62 2.80 5.22 -10.93
CA GLU A 62 1.82 4.58 -11.82
C GLU A 62 1.51 5.46 -13.05
N LYS A 63 1.65 6.79 -12.91
CA LYS A 63 1.40 7.76 -13.98
C LYS A 63 2.51 7.82 -15.05
N LEU A 64 3.65 7.18 -14.81
CA LEU A 64 4.70 7.08 -15.82
C LEU A 64 4.39 5.88 -16.77
N ASN A 65 3.11 5.40 -16.81
CA ASN A 65 2.59 4.28 -17.60
C ASN A 65 1.17 4.64 -18.10
N GLY A 73 1.27 16.23 -19.42
CA GLY A 73 2.05 16.13 -18.19
C GLY A 73 3.09 15.03 -18.28
N TYR A 74 2.76 13.87 -17.70
CA TYR A 74 3.63 12.69 -17.68
C TYR A 74 3.79 12.02 -19.04
N ALA A 75 2.77 12.14 -19.91
CA ALA A 75 2.77 11.54 -21.25
C ALA A 75 3.75 12.23 -22.21
N LYS A 76 4.05 13.53 -21.96
CA LYS A 76 4.98 14.34 -22.75
C LYS A 76 6.46 13.94 -22.51
N LEU A 77 6.76 13.16 -21.45
CA LEU A 77 8.12 12.74 -21.12
C LEU A 77 8.65 11.69 -22.08
N SER A 78 9.91 11.85 -22.50
CA SER A 78 10.56 10.89 -23.37
C SER A 78 11.03 9.68 -22.54
N ASP A 79 11.33 8.56 -23.22
CA ASP A 79 11.79 7.31 -22.61
C ASP A 79 12.95 7.50 -21.62
N SER A 80 13.94 8.31 -22.01
CA SER A 80 15.11 8.56 -21.18
C SER A 80 14.71 9.40 -19.98
N ASP A 81 13.89 10.44 -20.20
CA ASP A 81 13.38 11.35 -19.17
C ASP A 81 12.57 10.63 -18.05
N ILE A 82 11.71 9.65 -18.42
CA ILE A 82 10.90 8.93 -17.43
C ILE A 82 11.80 8.12 -16.47
N GLU A 83 12.94 7.60 -16.93
CA GLU A 83 13.85 6.85 -16.08
C GLU A 83 14.47 7.74 -15.00
N LYS A 84 14.74 9.02 -15.33
CA LYS A 84 15.32 10.00 -14.40
C LYS A 84 14.32 10.31 -13.31
N VAL A 85 13.04 10.51 -13.68
CA VAL A 85 11.93 10.78 -12.77
C VAL A 85 11.70 9.60 -11.86
N LYS A 86 11.73 8.39 -12.43
CA LYS A 86 11.55 7.13 -11.72
C LYS A 86 12.67 6.96 -10.71
N GLU A 87 13.92 7.28 -11.08
CA GLU A 87 15.06 7.22 -10.18
C GLU A 87 14.92 8.17 -9.00
N ILE A 88 14.52 9.42 -9.25
CA ILE A 88 14.26 10.43 -8.22
C ILE A 88 13.16 9.95 -7.25
N PHE A 89 12.09 9.33 -7.80
CA PHE A 89 10.96 8.79 -7.06
C PHE A 89 11.35 7.61 -6.21
N ASP A 90 12.23 6.75 -6.74
CA ASP A 90 12.70 5.55 -6.04
C ASP A 90 13.66 5.90 -4.92
N LYS A 91 14.44 6.97 -5.07
CA LYS A 91 15.37 7.40 -4.04
C LYS A 91 14.68 8.18 -2.91
N ALA A 92 13.53 8.81 -3.19
CA ALA A 92 12.72 9.51 -2.21
C ALA A 92 12.01 8.50 -1.35
N LYS A 93 11.51 7.39 -1.95
CA LYS A 93 10.88 6.30 -1.22
C LYS A 93 11.91 5.64 -0.26
N ASP A 94 13.20 5.57 -0.66
CA ASP A 94 14.26 5.00 0.17
C ASP A 94 14.47 5.84 1.44
N GLY A 95 14.55 7.16 1.27
CA GLY A 95 14.73 8.11 2.36
C GLY A 95 13.52 8.24 3.28
N ILE A 96 12.31 8.12 2.73
CA ILE A 96 11.09 8.18 3.52
C ILE A 96 10.95 6.87 4.31
N ALA A 97 11.16 5.72 3.65
CA ALA A 97 11.02 4.43 4.30
C ALA A 97 12.03 4.23 5.43
N LYS A 98 13.24 4.80 5.30
CA LYS A 98 14.30 4.74 6.31
C LYS A 98 13.84 5.23 7.67
N GLN A 99 12.90 6.17 7.70
CA GLN A 99 12.36 6.77 8.93
C GLN A 99 11.16 6.01 9.51
N LEU A 100 10.62 5.03 8.79
CA LEU A 100 9.44 4.29 9.22
C LEU A 100 9.71 3.34 10.41
N PRO A 101 10.86 2.63 10.53
CA PRO A 101 11.07 1.76 11.71
C PRO A 101 11.20 2.50 13.03
N GLU A 102 11.61 3.78 13.04
CA GLU A 102 11.72 4.55 14.28
C GLU A 102 10.36 5.15 14.65
N ALA A 103 9.57 5.60 13.65
CA ALA A 103 8.23 6.16 13.86
C ALA A 103 7.18 5.11 14.22
N LYS A 104 7.38 3.86 13.81
CA LYS A 104 6.49 2.74 14.16
C LYS A 104 6.76 2.30 15.60
N LYS A 105 8.03 2.29 16.02
CA LYS A 105 8.45 1.94 17.38
C LYS A 105 7.97 3.02 18.35
N ALA A 106 8.02 4.30 17.94
CA ALA A 106 7.55 5.39 18.75
C ALA A 106 6.03 5.25 18.99
N GLY A 107 5.28 4.92 17.95
CA GLY A 107 3.83 4.74 18.02
C GLY A 107 3.39 3.48 18.74
N GLU A 108 4.27 2.48 18.83
CA GLU A 108 3.98 1.25 19.55
C GLU A 108 4.25 1.46 21.06
N ASP A 109 5.30 2.23 21.40
CA ASP A 109 5.64 2.59 22.77
C ASP A 109 4.56 3.51 23.32
N ALA A 110 4.12 4.52 22.53
CA ALA A 110 3.06 5.45 22.92
C ALA A 110 1.70 4.80 23.12
N GLU A 111 1.54 3.52 22.80
CA GLU A 111 0.29 2.79 23.01
C GLU A 111 0.28 2.20 24.43
N LYS A 112 1.42 1.67 24.85
CA LYS A 112 1.59 1.09 26.19
C LYS A 112 1.80 2.20 27.21
N LEU A 113 2.59 3.23 26.88
CA LEU A 113 2.90 4.36 27.75
C LEU A 113 1.70 5.23 28.07
N HIS A 114 0.76 5.33 27.14
CA HIS A 114 -0.45 6.12 27.36
C HIS A 114 -1.29 5.55 28.50
N THR A 115 -1.42 4.22 28.56
CA THR A 115 -2.25 3.58 29.58
C THR A 115 -1.59 3.62 30.96
N GLU A 116 -0.25 3.64 31.01
CA GLU A 116 0.47 3.76 32.28
C GLU A 116 0.37 5.20 32.77
N VAL A 117 0.46 6.19 31.86
CA VAL A 117 0.35 7.63 32.16
C VAL A 117 -1.09 7.99 32.58
N LYS A 118 -2.08 7.44 31.89
CA LYS A 118 -3.48 7.72 32.19
C LYS A 118 -3.85 7.13 33.54
N GLU A 119 -3.38 5.90 33.83
CA GLU A 119 -3.68 5.22 35.09
C GLU A 119 -3.02 5.87 36.31
N ALA A 120 -1.68 6.13 36.26
CA ALA A 120 -0.94 6.71 37.38
C ALA A 120 -1.47 8.08 37.78
N ALA A 121 -1.86 8.91 36.81
CA ALA A 121 -2.38 10.25 37.07
C ALA A 121 -3.80 10.21 37.64
N ALA A 122 -4.60 9.20 37.26
CA ALA A 122 -5.97 9.02 37.77
C ALA A 122 -5.95 8.62 39.24
N ASN A 123 -5.00 7.76 39.62
CA ASN A 123 -4.81 7.32 41.01
C ASN A 123 -4.25 8.46 41.84
N ALA A 124 -3.33 9.25 41.27
CA ALA A 124 -2.77 10.41 41.97
C ALA A 124 -3.81 11.52 42.19
N ARG A 125 -4.92 11.52 41.44
CA ARG A 125 -5.97 12.53 41.54
C ARG A 125 -7.17 12.12 42.44
N GLY A 126 -7.27 10.84 42.80
CA GLY A 126 -8.33 10.38 43.71
C GLY A 126 -7.96 10.48 45.19
N GLN A 127 -6.65 10.34 45.47
CA GLN A 127 -6.10 10.49 46.82
C GLN A 127 -5.78 11.97 47.05
N ASP A 128 -5.33 12.72 46.01
CA ASP A 128 -5.05 14.16 46.10
C ASP A 128 -6.33 14.96 46.37
N LEU A 129 -7.48 14.48 45.84
CA LEU A 129 -8.77 15.12 46.09
C LEU A 129 -9.13 14.90 47.57
N ASP A 130 -8.96 13.66 48.07
CA ASP A 130 -9.23 13.37 49.48
C ASP A 130 -8.24 14.12 50.42
N ASP A 131 -7.09 14.56 49.90
CA ASP A 131 -6.13 15.37 50.64
C ASP A 131 -6.68 16.81 50.86
N HIS A 132 -7.57 17.30 49.97
CA HIS A 132 -8.20 18.61 50.11
C HIS A 132 -9.35 18.57 51.12
N LYS A 133 -10.14 17.50 51.07
CA LYS A 133 -11.31 17.32 51.92
C LYS A 133 -10.94 16.77 53.32
N SER A 175 -14.90 20.14 55.68
CA SER A 175 -14.26 21.27 54.98
C SER A 175 -13.22 20.84 53.92
N ALA A 176 -13.25 21.47 52.74
CA ALA A 176 -12.34 21.16 51.63
C ALA A 176 -11.74 22.41 50.97
N ILE A 177 -10.54 22.29 50.37
CA ILE A 177 -9.89 23.41 49.69
C ILE A 177 -10.56 23.67 48.33
N ASP A 178 -10.91 24.95 48.07
CA ASP A 178 -11.65 25.42 46.90
C ASP A 178 -11.03 25.13 45.52
N CYS A 179 -9.76 25.45 45.33
CA CYS A 179 -9.07 25.21 44.06
C CYS A 179 -9.70 25.93 42.87
N SER A 180 -10.15 27.18 43.06
CA SER A 180 -10.74 27.95 41.96
C SER A 180 -9.69 28.86 41.27
N SER A 181 -8.65 29.29 42.02
CA SER A 181 -7.57 30.15 41.51
C SER A 181 -6.60 29.40 40.57
N THR A 182 -6.56 28.06 40.64
CA THR A 182 -5.71 27.26 39.76
C THR A 182 -6.30 27.17 38.34
N GLY A 183 -7.63 27.14 38.24
CA GLY A 183 -8.34 27.14 36.95
C GLY A 183 -8.27 28.50 36.27
N TYR A 184 -8.18 29.58 37.07
CA TYR A 184 -8.06 30.93 36.53
C TYR A 184 -6.64 31.12 35.96
N GLU A 185 -5.63 30.66 36.72
CA GLU A 185 -4.23 30.76 36.33
C GLU A 185 -3.84 29.62 35.39
N GLU A 186 -4.69 29.35 34.38
CA GLU A 186 -4.41 28.29 33.42
C GLU A 186 -3.41 28.73 32.37
N ASN A 187 -2.25 28.09 32.37
CA ASN A 187 -1.22 28.40 31.38
C ASN A 187 -1.14 27.34 30.26
N TYR A 188 -1.95 26.26 30.35
CA TYR A 188 -2.07 25.14 29.41
C TYR A 188 -0.75 24.35 29.23
N ASP A 189 0.13 24.39 30.22
CA ASP A 189 1.38 23.65 30.19
C ASP A 189 1.15 22.37 30.99
N TRP A 190 0.98 21.23 30.31
CA TRP A 190 0.73 19.97 31.01
C TRP A 190 1.84 18.96 30.74
N SER A 191 3.08 19.42 30.71
CA SER A 191 4.25 18.58 30.52
C SER A 191 4.72 17.96 31.84
N ALA A 192 5.62 16.96 31.78
CA ALA A 192 6.21 16.34 32.97
C ALA A 192 7.04 17.35 33.79
N ASN A 193 7.55 18.41 33.14
CA ASN A 193 8.33 19.47 33.73
C ASN A 193 7.41 20.43 34.54
N ALA A 194 6.16 20.62 34.10
CA ALA A 194 5.21 21.44 34.84
C ALA A 194 4.79 20.70 36.11
N LEU A 195 4.57 19.38 35.99
CA LEU A 195 4.22 18.52 37.10
C LEU A 195 5.35 18.48 38.13
N GLN A 196 6.61 18.49 37.65
CA GLN A 196 7.79 18.50 38.48
C GLN A 196 7.93 19.81 39.24
N VAL A 197 7.82 20.99 38.57
CA VAL A 197 7.94 22.26 39.28
C VAL A 197 6.78 22.47 40.30
N ALA A 198 5.59 21.87 40.04
CA ALA A 198 4.50 21.95 41.01
C ALA A 198 4.84 21.09 42.24
N LEU A 199 5.52 19.93 42.03
CA LEU A 199 5.95 19.06 43.12
C LEU A 199 7.10 19.72 43.92
N ASN A 200 8.01 20.42 43.21
CA ASN A 200 9.13 21.15 43.78
C ASN A 200 8.64 22.32 44.62
N SER A 201 7.56 22.99 44.19
CA SER A 201 7.01 24.12 44.93
C SER A 201 6.32 23.64 46.20
N TRP A 202 5.67 22.46 46.15
CA TRP A 202 5.03 21.87 47.32
C TRP A 202 6.11 21.40 48.32
N GLU A 203 7.20 20.82 47.80
CA GLU A 203 8.31 20.33 48.62
C GLU A 203 9.01 21.45 49.41
N ASN A 204 8.88 22.69 48.97
CA ASN A 204 9.49 23.82 49.68
C ASN A 204 8.56 24.31 50.78
N VAL A 205 7.23 24.33 50.53
CA VAL A 205 6.26 24.78 51.54
C VAL A 205 5.59 23.61 52.30
N LYS A 206 6.14 22.41 52.18
CA LYS A 206 5.63 21.18 52.76
C LYS A 206 5.72 21.18 54.27
N PRO A 207 4.59 21.34 54.99
CA PRO A 207 4.65 21.25 56.46
C PRO A 207 4.94 19.80 56.85
N LYS A 208 5.95 19.54 57.71
CA LYS A 208 6.32 18.18 58.09
C LYS A 208 5.31 17.50 59.02
N CYS A 230 -0.54 20.11 62.89
CA CYS A 230 -1.37 19.10 62.26
C CYS A 230 -1.16 19.07 60.73
N THR A 231 -0.89 17.87 60.16
CA THR A 231 -0.65 17.73 58.71
C THR A 231 -1.24 16.39 58.16
N MET A 232 -0.93 15.99 56.89
CA MET A 232 -1.44 14.75 56.31
C MET A 232 -0.33 13.93 55.66
N THR A 233 -0.56 12.62 55.52
CA THR A 233 0.38 11.70 54.93
C THR A 233 0.55 11.91 53.41
N GLU A 234 1.65 11.40 52.84
CA GLU A 234 1.92 11.59 51.42
C GLU A 234 2.05 10.27 50.63
N GLU A 235 0.95 9.51 50.55
CA GLU A 235 0.94 8.29 49.75
C GLU A 235 0.61 8.59 48.27
N TRP A 236 -0.13 9.68 48.01
CA TRP A 236 -0.47 10.15 46.67
C TRP A 236 0.80 10.48 45.88
N GLN A 237 1.86 10.93 46.58
CA GLN A 237 3.15 11.34 46.02
C GLN A 237 3.86 10.20 45.28
N THR A 238 3.62 8.95 45.69
CA THR A 238 4.25 7.82 45.03
C THR A 238 3.67 7.60 43.62
N HIS A 239 2.36 7.85 43.45
CA HIS A 239 1.69 7.74 42.15
C HIS A 239 2.05 8.92 41.26
N TYR A 240 2.17 10.12 41.86
CA TYR A 240 2.51 11.35 41.18
C TYR A 240 3.94 11.28 40.65
N LYS A 241 4.87 10.71 41.45
CA LYS A 241 6.27 10.54 41.02
C LYS A 241 6.36 9.61 39.79
N GLU A 242 5.46 8.61 39.71
CA GLU A 242 5.38 7.68 38.61
C GLU A 242 4.80 8.37 37.37
N THR A 243 3.82 9.27 37.56
CA THR A 243 3.19 10.05 36.49
C THR A 243 4.24 10.88 35.79
N VAL A 244 5.12 11.56 36.55
CA VAL A 244 6.18 12.41 36.01
C VAL A 244 7.19 11.59 35.20
N LYS A 245 7.61 10.44 35.76
CA LYS A 245 8.57 9.51 35.17
C LYS A 245 8.04 8.94 33.83
N LYS A 246 6.76 8.52 33.82
CA LYS A 246 6.17 7.92 32.63
C LYS A 246 5.78 8.96 31.59
N LEU A 247 5.39 10.17 32.00
CA LEU A 247 5.08 11.24 31.08
C LEU A 247 6.34 11.68 30.31
N LYS A 248 7.52 11.60 30.94
CA LYS A 248 8.78 11.92 30.28
C LYS A 248 9.07 10.86 29.20
N GLU A 249 8.77 9.58 29.50
CA GLU A 249 8.95 8.49 28.56
C GLU A 249 8.00 8.65 27.37
N LEU A 250 6.75 9.07 27.63
CA LEU A 250 5.71 9.31 26.62
C LEU A 250 6.06 10.50 25.73
N GLU A 251 6.63 11.55 26.33
CA GLU A 251 7.08 12.72 25.58
C GLU A 251 8.34 12.41 24.73
N GLY A 252 9.16 11.47 25.20
CA GLY A 252 10.36 11.02 24.52
C GLY A 252 10.04 10.17 23.29
N ALA A 253 8.91 9.43 23.36
CA ALA A 253 8.40 8.63 22.24
C ALA A 253 7.82 9.60 21.17
N HIS A 254 7.17 10.70 21.60
CA HIS A 254 6.66 11.74 20.71
C HIS A 254 7.81 12.38 19.95
N GLU A 255 8.92 12.67 20.65
CA GLU A 255 10.08 13.29 20.02
C GLU A 255 10.81 12.31 19.08
N LYS A 256 10.92 11.03 19.45
CA LYS A 256 11.57 10.02 18.62
C LYS A 256 10.86 9.87 17.25
N GLY A 257 9.54 10.06 17.24
CA GLY A 257 8.68 10.01 16.06
C GLY A 257 8.56 11.34 15.34
N ARG A 258 8.82 12.44 16.05
CA ARG A 258 8.86 13.79 15.49
C ARG A 258 10.16 13.94 14.68
N ARG A 259 11.30 13.51 15.23
CA ARG A 259 12.58 13.54 14.54
C ARG A 259 12.62 12.61 13.30
N ALA A 260 11.74 11.60 13.26
CA ALA A 260 11.63 10.68 12.14
C ALA A 260 10.75 11.32 11.06
N HIS A 261 9.64 11.96 11.45
CA HIS A 261 8.73 12.62 10.52
C HIS A 261 9.43 13.76 9.79
N ASP A 262 10.19 14.56 10.53
CA ASP A 262 10.90 15.70 9.96
C ASP A 262 12.01 15.27 9.01
N ALA A 263 12.66 14.15 9.31
CA ALA A 263 13.71 13.61 8.46
C ALA A 263 13.17 13.05 7.13
N MET A 264 11.91 12.63 7.12
CA MET A 264 11.16 12.12 5.98
C MET A 264 10.75 13.27 5.04
N LEU A 265 10.53 14.52 5.59
CA LEU A 265 10.06 15.70 4.85
C LEU A 265 10.93 16.09 3.68
N GLY A 266 12.25 16.10 3.83
CA GLY A 266 13.16 16.46 2.74
C GLY A 266 12.94 15.66 1.47
N TYR A 267 12.83 14.33 1.63
CA TYR A 267 12.61 13.36 0.56
C TYR A 267 11.24 13.47 -0.09
N ALA A 268 10.19 13.64 0.73
CA ALA A 268 8.81 13.78 0.29
C ALA A 268 8.59 15.11 -0.41
N ASN A 269 9.36 16.16 -0.05
CA ASN A 269 9.29 17.48 -0.69
C ASN A 269 9.93 17.42 -2.04
N THR A 270 11.07 16.70 -2.18
CA THR A 270 11.76 16.50 -3.46
C THR A 270 10.80 15.86 -4.45
N ALA A 271 10.11 14.77 -4.04
CA ALA A 271 9.14 14.03 -4.85
C ALA A 271 7.90 14.86 -5.20
N TYR A 272 7.44 15.74 -4.29
CA TYR A 272 6.28 16.62 -4.52
C TYR A 272 6.62 17.66 -5.56
N ALA A 273 7.80 18.26 -5.44
CA ALA A 273 8.28 19.26 -6.39
C ALA A 273 8.43 18.67 -7.78
N VAL A 274 8.87 17.39 -7.91
CA VAL A 274 8.97 16.77 -9.24
C VAL A 274 7.57 16.58 -9.86
N ASN A 275 6.60 16.02 -9.13
CA ASN A 275 5.24 15.84 -9.62
C ASN A 275 4.63 17.15 -10.17
N THR A 276 4.85 18.29 -9.50
CA THR A 276 4.32 19.58 -9.93
C THR A 276 5.00 20.05 -11.21
N LYS A 277 6.34 19.94 -11.29
CA LYS A 277 7.09 20.34 -12.48
C LYS A 277 6.80 19.45 -13.69
N VAL A 278 6.54 18.17 -13.44
CA VAL A 278 6.23 17.23 -14.51
C VAL A 278 4.81 17.50 -15.04
N GLU A 279 3.85 17.86 -14.15
CA GLU A 279 2.50 18.17 -14.60
C GLU A 279 2.41 19.58 -15.23
N GLN A 280 3.31 20.50 -14.85
CA GLN A 280 3.37 21.81 -15.50
C GLN A 280 4.15 21.77 -16.85
N GLU A 281 4.57 20.56 -17.29
CA GLU A 281 5.31 20.24 -18.52
C GLU A 281 6.63 21.01 -18.66
N LYS A 282 7.33 21.23 -17.54
CA LYS A 282 8.62 21.89 -17.51
C LYS A 282 9.70 20.93 -18.07
N PRO A 283 10.73 21.43 -18.77
CA PRO A 283 11.77 20.52 -19.29
C PRO A 283 12.56 19.76 -18.22
N LEU A 284 13.30 18.72 -18.62
CA LEU A 284 14.06 17.88 -17.70
C LEU A 284 15.02 18.66 -16.75
N ALA A 285 15.73 19.67 -17.27
CA ALA A 285 16.64 20.45 -16.43
C ALA A 285 15.90 21.15 -15.28
N GLU A 286 14.67 21.61 -15.55
CA GLU A 286 13.81 22.31 -14.60
C GLU A 286 13.31 21.39 -13.49
N VAL A 287 12.92 20.16 -13.83
CA VAL A 287 12.42 19.21 -12.83
C VAL A 287 13.57 18.75 -11.90
N ILE A 288 14.80 18.59 -12.44
CA ILE A 288 15.96 18.18 -11.66
C ILE A 288 16.41 19.30 -10.73
N ALA A 289 16.38 20.56 -11.24
CA ALA A 289 16.74 21.74 -10.45
C ALA A 289 15.79 21.91 -9.27
N ALA A 290 14.47 21.66 -9.50
CA ALA A 290 13.43 21.78 -8.47
C ALA A 290 13.53 20.67 -7.43
N ALA A 291 13.96 19.47 -7.85
CA ALA A 291 14.13 18.34 -6.93
C ALA A 291 15.29 18.60 -5.99
N LYS A 292 16.41 19.14 -6.51
CA LYS A 292 17.60 19.48 -5.73
C LYS A 292 17.33 20.59 -4.71
N GLU A 293 16.54 21.61 -5.07
CA GLU A 293 16.22 22.71 -4.16
C GLU A 293 15.31 22.32 -3.01
N ALA A 294 14.60 21.19 -3.10
CA ALA A 294 13.68 20.74 -2.07
C ALA A 294 14.32 19.69 -1.16
N GLY A 295 15.60 19.87 -0.84
CA GLY A 295 16.34 18.96 0.02
C GLY A 295 17.50 19.62 0.73
N ASP B 2 -37.70 38.93 5.66
CA ASP B 2 -36.38 38.35 5.40
C ASP B 2 -36.31 37.68 4.05
N ALA B 3 -37.41 37.04 3.61
CA ALA B 3 -37.46 36.32 2.34
C ALA B 3 -37.83 37.19 1.14
N GLU B 4 -38.54 38.30 1.38
CA GLU B 4 -38.92 39.20 0.28
C GLU B 4 -37.71 39.89 -0.39
N ARG B 5 -36.60 40.01 0.34
CA ARG B 5 -35.39 40.62 -0.20
C ARG B 5 -34.47 39.61 -0.88
N LEU B 6 -34.80 38.30 -0.87
CA LEU B 6 -33.91 37.28 -1.42
C LEU B 6 -34.32 36.73 -2.77
N LYS B 7 -35.20 37.43 -3.49
CA LYS B 7 -35.66 36.96 -4.80
C LYS B 7 -34.55 37.06 -5.87
N HIS B 8 -33.67 38.07 -5.74
CA HIS B 8 -32.56 38.27 -6.68
C HIS B 8 -31.47 37.20 -6.59
N LEU B 9 -31.46 36.40 -5.50
CA LEU B 9 -30.50 35.33 -5.32
C LEU B 9 -30.80 34.11 -6.21
N ILE B 10 -32.02 33.97 -6.73
CA ILE B 10 -32.37 32.84 -7.62
C ILE B 10 -31.81 33.15 -9.01
N VAL B 11 -30.59 32.70 -9.27
CA VAL B 11 -29.89 33.01 -10.51
C VAL B 11 -29.73 31.81 -11.46
N THR B 12 -29.96 32.05 -12.76
CA THR B 12 -29.77 31.07 -13.81
C THR B 12 -28.26 30.98 -14.08
N PRO B 13 -27.63 29.84 -13.78
CA PRO B 13 -26.18 29.74 -13.97
C PRO B 13 -25.79 29.78 -15.43
N SER B 14 -24.65 30.40 -15.73
CA SER B 14 -24.17 30.48 -17.12
C SER B 14 -22.68 30.76 -17.16
N GLY B 15 -22.02 30.33 -18.23
CA GLY B 15 -20.60 30.60 -18.42
C GLY B 15 -19.70 29.41 -18.21
N ALA B 16 -18.39 29.67 -18.32
CA ALA B 16 -17.28 28.74 -18.15
C ALA B 16 -17.10 28.29 -16.64
N GLY B 17 -16.10 27.45 -16.34
CA GLY B 17 -15.84 26.88 -15.02
C GLY B 17 -15.84 27.79 -13.82
N GLU B 18 -15.49 29.08 -14.00
CA GLU B 18 -15.48 30.01 -12.87
C GLU B 18 -16.80 30.76 -12.74
N GLN B 19 -17.31 31.30 -13.87
CA GLN B 19 -18.59 32.02 -13.99
C GLN B 19 -19.81 31.10 -13.64
N ASN B 20 -19.69 29.81 -13.88
CA ASN B 20 -20.75 28.85 -13.57
C ASN B 20 -20.92 28.72 -12.06
N MET B 21 -19.82 28.81 -11.30
CA MET B 21 -19.84 28.70 -9.85
C MET B 21 -20.20 30.02 -9.17
N ILE B 22 -19.93 31.18 -9.82
CA ILE B 22 -20.31 32.52 -9.37
C ILE B 22 -21.85 32.64 -9.48
N GLY B 23 -22.40 32.19 -10.62
CA GLY B 23 -23.83 32.21 -10.90
C GLY B 23 -24.61 31.14 -10.17
N MET B 24 -23.97 29.98 -9.94
CA MET B 24 -24.60 28.89 -9.23
C MET B 24 -24.77 29.20 -7.73
N THR B 25 -23.69 29.68 -7.04
CA THR B 25 -23.60 30.06 -5.61
C THR B 25 -24.87 30.69 -5.02
N PRO B 26 -25.42 31.80 -5.60
CA PRO B 26 -26.57 32.45 -4.96
C PRO B 26 -27.78 31.54 -4.83
N THR B 27 -28.14 30.82 -5.91
CA THR B 27 -29.31 29.95 -5.94
C THR B 27 -29.19 28.85 -4.90
N VAL B 28 -28.02 28.20 -4.84
CA VAL B 28 -27.77 27.10 -3.91
C VAL B 28 -27.97 27.48 -2.45
N ILE B 29 -27.28 28.52 -1.96
CA ILE B 29 -27.39 28.94 -0.57
C ILE B 29 -28.74 29.60 -0.24
N ALA B 30 -29.46 30.12 -1.25
CA ALA B 30 -30.77 30.71 -1.00
C ALA B 30 -31.79 29.60 -0.75
N VAL B 31 -31.71 28.49 -1.49
CA VAL B 31 -32.59 27.35 -1.25
C VAL B 31 -32.31 26.77 0.14
N HIS B 32 -31.04 26.60 0.46
CA HIS B 32 -30.58 26.12 1.77
C HIS B 32 -31.02 27.02 2.99
N TYR B 33 -31.05 28.34 2.79
CA TYR B 33 -31.46 29.30 3.81
C TYR B 33 -32.98 29.26 4.00
N LEU B 34 -33.72 29.06 2.89
CA LEU B 34 -35.17 29.05 2.94
C LEU B 34 -35.72 27.74 3.49
N ASP B 35 -35.03 26.61 3.28
CA ASP B 35 -35.42 25.33 3.84
C ASP B 35 -35.26 25.42 5.37
N GLU B 36 -34.07 25.87 5.85
CA GLU B 36 -33.73 25.93 7.27
C GLU B 36 -34.58 26.91 8.03
N THR B 37 -34.65 28.17 7.56
CA THR B 37 -35.47 29.18 8.22
C THR B 37 -36.97 29.02 7.98
N GLU B 38 -37.37 28.11 7.06
CA GLU B 38 -38.75 27.79 6.73
C GLU B 38 -39.51 28.99 6.25
N GLN B 39 -38.93 29.70 5.28
CA GLN B 39 -39.59 30.88 4.73
C GLN B 39 -40.16 30.66 3.33
N TRP B 40 -40.43 29.41 2.96
CA TRP B 40 -41.00 29.09 1.66
C TRP B 40 -42.47 29.51 1.52
N GLU B 41 -43.17 29.77 2.63
CA GLU B 41 -44.56 30.22 2.57
C GLU B 41 -44.63 31.73 2.28
N LYS B 42 -43.65 32.49 2.81
CA LYS B 42 -43.51 33.93 2.62
C LYS B 42 -42.80 34.26 1.28
N PHE B 43 -42.00 33.34 0.75
CA PHE B 43 -41.29 33.54 -0.51
C PHE B 43 -42.15 33.16 -1.74
N GLY B 44 -42.73 31.97 -1.69
CA GLY B 44 -43.50 31.39 -2.79
C GLY B 44 -43.21 29.92 -2.78
N LEU B 45 -44.21 29.12 -2.44
CA LEU B 45 -44.05 27.68 -2.27
C LEU B 45 -43.75 26.98 -3.59
N GLU B 46 -44.46 27.40 -4.66
CA GLU B 46 -44.35 26.92 -6.03
C GLU B 46 -42.97 27.13 -6.67
N LYS B 47 -42.15 28.03 -6.09
CA LYS B 47 -40.85 28.41 -6.60
C LYS B 47 -39.71 27.49 -6.18
N ARG B 48 -39.94 26.56 -5.23
CA ARG B 48 -38.88 25.68 -4.77
C ARG B 48 -38.42 24.71 -5.84
N GLN B 49 -39.38 24.08 -6.55
CA GLN B 49 -39.02 23.14 -7.60
C GLN B 49 -38.24 23.79 -8.74
N GLY B 50 -38.60 25.03 -9.09
CA GLY B 50 -37.92 25.78 -10.13
C GLY B 50 -36.49 26.12 -9.76
N ALA B 51 -36.25 26.36 -8.48
CA ALA B 51 -34.92 26.68 -8.00
C ALA B 51 -34.03 25.44 -8.00
N LEU B 52 -34.60 24.25 -7.67
CA LEU B 52 -33.82 23.01 -7.71
C LEU B 52 -33.36 22.71 -9.12
N GLU B 53 -34.21 22.96 -10.13
CA GLU B 53 -33.87 22.72 -11.53
C GLU B 53 -32.74 23.64 -11.98
N LEU B 54 -32.69 24.89 -11.49
CA LEU B 54 -31.59 25.79 -11.80
C LEU B 54 -30.27 25.29 -11.16
N ILE B 55 -30.34 24.73 -9.93
CA ILE B 55 -29.16 24.19 -9.22
C ILE B 55 -28.67 22.91 -9.94
N LYS B 56 -29.59 22.10 -10.46
CA LYS B 56 -29.25 20.91 -11.24
C LYS B 56 -28.60 21.33 -12.56
N LYS B 57 -29.12 22.43 -13.17
CA LYS B 57 -28.64 23.07 -14.39
C LYS B 57 -27.21 23.59 -14.18
N GLY B 58 -26.94 24.16 -13.01
CA GLY B 58 -25.60 24.64 -12.68
C GLY B 58 -24.65 23.50 -12.42
N TYR B 59 -25.13 22.45 -11.76
CA TYR B 59 -24.34 21.26 -11.47
C TYR B 59 -23.89 20.59 -12.77
N THR B 60 -24.85 20.26 -13.71
CA THR B 60 -24.65 19.62 -15.01
C THR B 60 -23.75 20.43 -15.95
N GLN B 61 -23.93 21.76 -16.00
CA GLN B 61 -23.07 22.64 -16.81
C GLN B 61 -21.63 22.69 -16.24
N GLN B 62 -21.46 22.49 -14.91
CA GLN B 62 -20.14 22.52 -14.29
C GLN B 62 -19.32 21.30 -14.69
N LEU B 63 -19.98 20.15 -14.93
CA LEU B 63 -19.31 18.92 -15.34
C LEU B 63 -18.64 19.01 -16.71
N ALA B 64 -18.93 20.06 -17.48
CA ALA B 64 -18.28 20.30 -18.75
C ALA B 64 -16.81 20.77 -18.56
N PHE B 65 -16.48 21.24 -17.33
CA PHE B 65 -15.18 21.76 -16.91
C PHE B 65 -14.42 20.79 -15.99
N ARG B 66 -14.96 19.60 -15.71
CA ARG B 66 -14.27 18.59 -14.91
C ARG B 66 -13.22 17.95 -15.79
N GLN B 67 -11.96 18.01 -15.36
CA GLN B 67 -10.85 17.49 -16.15
C GLN B 67 -10.65 15.97 -15.97
N PRO B 68 -9.88 15.27 -16.84
CA PRO B 68 -9.65 13.82 -16.62
C PRO B 68 -9.10 13.50 -15.21
N SER B 69 -8.47 14.50 -14.56
CA SER B 69 -7.88 14.43 -13.22
C SER B 69 -8.87 14.67 -12.08
N SER B 70 -10.16 14.87 -12.39
CA SER B 70 -11.23 15.22 -11.45
C SER B 70 -11.11 16.64 -10.88
N ALA B 71 -10.20 17.46 -11.42
CA ALA B 71 -9.98 18.83 -10.99
C ALA B 71 -10.68 19.82 -11.90
N PHE B 72 -10.94 21.04 -11.38
CA PHE B 72 -11.65 22.06 -12.13
C PHE B 72 -10.80 23.25 -12.48
N ALA B 73 -11.10 23.87 -13.59
CA ALA B 73 -10.46 25.07 -14.11
C ALA B 73 -11.53 25.85 -14.92
N ALA B 74 -11.28 27.15 -15.22
CA ALA B 74 -12.20 27.98 -15.99
C ALA B 74 -12.48 27.36 -17.36
N PHE B 75 -11.43 26.89 -18.03
CA PHE B 75 -11.55 26.18 -19.31
C PHE B 75 -10.75 24.87 -19.29
N VAL B 76 -11.18 23.89 -20.07
CA VAL B 76 -10.60 22.54 -20.07
C VAL B 76 -9.09 22.52 -20.39
N LYS B 77 -8.61 23.41 -21.27
CA LYS B 77 -7.18 23.45 -21.61
C LYS B 77 -6.33 24.32 -20.63
N ARG B 78 -6.93 24.77 -19.52
CA ARG B 78 -6.22 25.58 -18.54
C ARG B 78 -5.87 24.71 -17.34
N ALA B 79 -4.70 24.96 -16.72
CA ALA B 79 -4.22 24.24 -15.55
C ALA B 79 -5.25 24.28 -14.43
N PRO B 80 -5.50 23.15 -13.76
CA PRO B 80 -6.53 23.13 -12.71
C PRO B 80 -6.24 24.00 -11.50
N SER B 81 -7.29 24.53 -10.91
CA SER B 81 -7.18 25.41 -9.76
C SER B 81 -7.56 24.65 -8.50
N THR B 82 -6.67 24.76 -7.49
CA THR B 82 -6.83 24.16 -6.16
C THR B 82 -7.99 24.87 -5.46
N TRP B 83 -8.07 26.22 -5.56
CA TRP B 83 -9.15 27.00 -4.95
C TRP B 83 -10.45 26.64 -5.64
N LEU B 84 -10.48 26.63 -7.00
CA LEU B 84 -11.71 26.32 -7.72
C LEU B 84 -12.23 24.94 -7.41
N THR B 85 -11.36 23.91 -7.37
CA THR B 85 -11.74 22.53 -7.04
C THR B 85 -12.30 22.44 -5.64
N ALA B 86 -11.65 23.07 -4.65
CA ALA B 86 -12.11 23.11 -3.27
C ALA B 86 -13.45 23.85 -3.15
N TYR B 87 -13.65 24.90 -3.95
CA TYR B 87 -14.91 25.63 -3.95
C TYR B 87 -16.05 24.78 -4.51
N VAL B 88 -15.80 24.04 -5.61
CA VAL B 88 -16.78 23.14 -6.22
C VAL B 88 -17.18 22.07 -5.18
N VAL B 89 -16.19 21.49 -4.47
CA VAL B 89 -16.41 20.54 -3.38
C VAL B 89 -17.26 21.18 -2.28
N LYS B 90 -17.09 22.48 -2.02
CA LYS B 90 -17.82 23.21 -0.98
C LYS B 90 -19.28 23.47 -1.34
N VAL B 91 -19.56 23.75 -2.62
CA VAL B 91 -20.93 24.00 -3.04
C VAL B 91 -21.68 22.70 -3.26
N PHE B 92 -21.01 21.69 -3.82
CA PHE B 92 -21.64 20.38 -4.02
C PHE B 92 -21.89 19.67 -2.69
N SER B 93 -21.02 19.87 -1.66
CA SER B 93 -21.20 19.26 -0.34
C SER B 93 -22.50 19.71 0.32
N LEU B 94 -22.86 20.99 0.13
CA LEU B 94 -24.06 21.63 0.64
C LEU B 94 -25.28 21.33 -0.26
N ALA B 95 -25.07 21.01 -1.55
CA ALA B 95 -26.16 20.70 -2.47
C ALA B 95 -26.54 19.22 -2.53
N VAL B 96 -25.96 18.35 -1.68
CA VAL B 96 -26.32 16.92 -1.71
C VAL B 96 -27.75 16.72 -1.24
N ASN B 97 -28.25 17.55 -0.30
CA ASN B 97 -29.62 17.47 0.19
C ASN B 97 -30.66 18.09 -0.78
N LEU B 98 -30.18 18.98 -1.68
CA LEU B 98 -31.00 19.69 -2.65
C LEU B 98 -31.11 18.96 -3.99
N ILE B 99 -29.97 18.57 -4.61
CA ILE B 99 -29.99 17.87 -5.89
C ILE B 99 -29.14 16.58 -5.85
N ALA B 100 -29.32 15.71 -6.85
CA ALA B 100 -28.51 14.51 -6.97
C ALA B 100 -27.09 14.87 -7.41
N ILE B 101 -26.10 14.64 -6.54
CA ILE B 101 -24.70 14.90 -6.85
C ILE B 101 -23.99 13.55 -7.08
N ASP B 102 -23.17 13.44 -8.12
CA ASP B 102 -22.43 12.20 -8.37
C ASP B 102 -21.32 12.12 -7.33
N SER B 103 -21.24 11.01 -6.60
CA SER B 103 -20.26 10.82 -5.56
C SER B 103 -18.85 10.66 -6.12
N GLN B 104 -18.71 10.10 -7.32
CA GLN B 104 -17.39 9.96 -7.93
C GLN B 104 -16.82 11.32 -8.37
N VAL B 105 -17.70 12.24 -8.80
CA VAL B 105 -17.31 13.58 -9.22
C VAL B 105 -16.75 14.35 -8.02
N LEU B 106 -17.48 14.31 -6.90
CA LEU B 106 -17.09 14.99 -5.67
C LEU B 106 -15.88 14.37 -5.02
N CYS B 107 -15.85 13.03 -4.88
CA CYS B 107 -14.75 12.35 -4.22
C CYS B 107 -13.49 12.23 -5.08
N GLY B 108 -13.62 12.40 -6.38
CA GLY B 108 -12.45 12.45 -7.26
C GLY B 108 -11.73 13.77 -7.06
N ALA B 109 -12.49 14.86 -6.88
CA ALA B 109 -11.98 16.20 -6.66
C ALA B 109 -11.29 16.29 -5.30
N VAL B 110 -11.88 15.63 -4.28
CA VAL B 110 -11.33 15.59 -2.92
C VAL B 110 -10.01 14.82 -2.97
N LYS B 111 -9.99 13.67 -3.66
CA LYS B 111 -8.77 12.84 -3.77
C LYS B 111 -7.66 13.56 -4.57
N TRP B 112 -8.04 14.36 -5.57
CA TRP B 112 -7.08 15.13 -6.34
C TRP B 112 -6.43 16.19 -5.47
N LEU B 113 -7.21 16.84 -4.58
CA LEU B 113 -6.72 17.85 -3.66
C LEU B 113 -5.67 17.29 -2.69
N ILE B 114 -5.93 16.09 -2.17
CA ILE B 114 -5.09 15.38 -1.23
C ILE B 114 -3.84 14.81 -1.88
N LEU B 115 -3.98 14.14 -3.01
CA LEU B 115 -2.86 13.51 -3.69
C LEU B 115 -1.97 14.47 -4.48
N GLU B 116 -2.58 15.42 -5.18
CA GLU B 116 -1.85 16.36 -6.01
C GLU B 116 -1.44 17.65 -5.35
N LYS B 117 -2.35 18.28 -4.60
CA LYS B 117 -2.08 19.63 -4.09
C LYS B 117 -1.75 19.81 -2.59
N GLN B 118 -1.80 18.75 -1.75
CA GLN B 118 -1.45 18.92 -0.35
C GLN B 118 0.03 18.61 -0.16
N LYS B 119 0.81 19.59 0.28
CA LYS B 119 2.25 19.42 0.50
C LYS B 119 2.51 18.48 1.68
N PRO B 120 3.68 17.80 1.72
CA PRO B 120 3.99 16.92 2.85
C PRO B 120 3.78 17.50 4.26
N ASP B 121 3.85 18.84 4.41
CA ASP B 121 3.66 19.55 5.69
C ASP B 121 2.17 19.89 6.04
N GLY B 122 1.24 19.46 5.17
CA GLY B 122 -0.19 19.68 5.33
C GLY B 122 -0.75 20.90 4.62
N VAL B 123 0.10 21.73 4.00
CA VAL B 123 -0.32 22.95 3.30
C VAL B 123 -0.84 22.70 1.87
N PHE B 124 -2.03 23.23 1.56
CA PHE B 124 -2.61 23.11 0.22
C PHE B 124 -2.00 24.19 -0.70
N GLN B 125 -1.62 23.82 -1.92
CA GLN B 125 -0.93 24.73 -2.82
C GLN B 125 -1.72 25.09 -4.07
N GLU B 126 -1.73 26.37 -4.43
CA GLU B 126 -2.39 26.84 -5.62
C GLU B 126 -1.33 27.13 -6.67
N ASP B 127 -1.29 26.29 -7.70
CA ASP B 127 -0.32 26.45 -8.79
C ASP B 127 -0.93 27.14 -10.04
N ALA B 128 -2.26 27.36 -10.08
CA ALA B 128 -2.89 28.07 -11.19
C ALA B 128 -4.08 28.85 -10.67
N PRO B 129 -3.84 30.08 -10.16
CA PRO B 129 -4.94 30.86 -9.59
C PRO B 129 -6.13 31.14 -10.50
N VAL B 130 -7.28 31.50 -9.91
CA VAL B 130 -8.47 31.80 -10.70
C VAL B 130 -8.33 33.17 -11.37
N ILE B 131 -8.95 33.32 -12.54
CA ILE B 131 -8.96 34.57 -13.29
C ILE B 131 -9.88 35.55 -12.54
N HIS B 132 -11.08 35.11 -12.14
CA HIS B 132 -11.99 35.96 -11.39
C HIS B 132 -11.56 36.05 -9.94
N GLN B 133 -10.65 36.98 -9.61
CA GLN B 133 -10.20 37.13 -8.23
C GLN B 133 -11.28 37.67 -7.28
N GLU B 134 -12.40 38.19 -7.82
CA GLU B 134 -13.47 38.73 -6.99
C GLU B 134 -14.31 37.65 -6.30
N MET B 135 -14.26 36.39 -6.81
CA MET B 135 -15.04 35.27 -6.26
C MET B 135 -14.34 34.53 -5.10
N ILE B 136 -13.14 34.96 -4.68
CA ILE B 136 -12.40 34.30 -3.60
C ILE B 136 -12.47 35.07 -2.26
N GLY B 137 -12.98 36.29 -2.26
CA GLY B 137 -13.14 37.11 -1.07
C GLY B 137 -11.85 37.50 -0.37
N GLY B 138 -11.83 37.32 0.95
CA GLY B 138 -10.69 37.65 1.80
C GLY B 138 -9.38 36.96 1.46
N LEU B 139 -9.44 35.91 0.64
CA LEU B 139 -8.26 35.21 0.15
C LEU B 139 -7.44 36.10 -0.80
N ARG B 140 -8.09 37.09 -1.46
CA ARG B 140 -7.52 37.99 -2.46
C ARG B 140 -6.28 38.75 -1.97
N ASN B 141 -6.31 39.31 -0.72
CA ASN B 141 -5.18 40.03 -0.11
C ASN B 141 -3.88 39.23 -0.24
N ASN B 142 -3.98 37.89 -0.10
CA ASN B 142 -2.90 36.92 -0.25
C ASN B 142 -1.82 37.06 0.82
N ASN B 143 -2.02 37.92 1.86
CA ASN B 143 -1.03 38.18 2.90
C ASN B 143 -0.43 36.91 3.47
N GLU B 144 -1.27 36.05 4.06
CA GLU B 144 -0.96 34.77 4.71
C GLU B 144 -1.59 33.68 3.83
N LYS B 145 -1.08 33.54 2.58
CA LYS B 145 -1.65 32.61 1.61
C LYS B 145 -1.71 31.15 2.07
N ASP B 146 -0.59 30.62 2.59
CA ASP B 146 -0.55 29.24 3.03
C ASP B 146 -1.54 28.95 4.14
N MET B 147 -1.70 29.87 5.10
CA MET B 147 -2.62 29.67 6.21
C MET B 147 -4.07 29.80 5.81
N ALA B 148 -4.43 30.83 5.02
CA ALA B 148 -5.81 31.06 4.58
C ALA B 148 -6.31 30.06 3.56
N LEU B 149 -5.46 29.67 2.58
CA LEU B 149 -5.87 28.69 1.57
C LEU B 149 -5.98 27.30 2.20
N THR B 150 -5.11 26.96 3.16
CA THR B 150 -5.19 25.67 3.83
C THR B 150 -6.44 25.57 4.69
N ALA B 151 -6.92 26.71 5.27
CA ALA B 151 -8.16 26.74 6.05
C ALA B 151 -9.32 26.55 5.08
N PHE B 152 -9.31 27.26 3.95
CA PHE B 152 -10.35 27.11 2.93
C PHE B 152 -10.52 25.64 2.44
N VAL B 153 -9.46 25.01 1.89
CA VAL B 153 -9.53 23.63 1.38
C VAL B 153 -9.93 22.63 2.46
N LEU B 154 -9.38 22.77 3.65
CA LEU B 154 -9.69 21.89 4.78
C LEU B 154 -11.16 22.01 5.23
N ILE B 155 -11.76 23.20 5.11
CA ILE B 155 -13.18 23.40 5.44
C ILE B 155 -14.04 22.62 4.41
N SER B 156 -13.63 22.66 3.13
CA SER B 156 -14.29 21.95 2.02
C SER B 156 -14.18 20.45 2.21
N LEU B 157 -13.03 19.96 2.68
CA LEU B 157 -12.80 18.53 2.94
C LEU B 157 -13.61 18.06 4.12
N GLN B 158 -13.72 18.90 5.17
CA GLN B 158 -14.51 18.54 6.34
C GLN B 158 -15.99 18.48 6.02
N GLU B 159 -16.44 19.33 5.10
CA GLU B 159 -17.83 19.33 4.67
C GLU B 159 -18.15 18.14 3.72
N ALA B 160 -17.13 17.57 3.06
CA ALA B 160 -17.29 16.42 2.17
C ALA B 160 -16.84 15.09 2.81
N LYS B 161 -16.40 15.12 4.08
CA LYS B 161 -15.86 13.98 4.83
C LYS B 161 -16.79 12.77 4.89
N ASP B 162 -18.02 12.95 5.34
CA ASP B 162 -18.97 11.84 5.47
C ASP B 162 -19.34 11.22 4.13
N ILE B 163 -19.38 12.03 3.07
CA ILE B 163 -19.71 11.57 1.72
C ILE B 163 -18.57 10.74 1.11
N CYS B 164 -17.33 11.18 1.32
CA CYS B 164 -16.15 10.59 0.69
C CYS B 164 -15.23 9.78 1.61
N GLU B 165 -15.62 9.49 2.85
CA GLU B 165 -14.76 8.74 3.78
C GLU B 165 -14.43 7.36 3.25
N GLU B 166 -15.42 6.70 2.62
CA GLU B 166 -15.28 5.35 2.08
C GLU B 166 -14.58 5.29 0.72
N GLN B 167 -14.64 6.35 -0.07
CA GLN B 167 -14.02 6.38 -1.40
C GLN B 167 -12.59 6.96 -1.37
N VAL B 168 -12.33 7.91 -0.46
CA VAL B 168 -11.02 8.53 -0.34
C VAL B 168 -10.42 8.05 0.97
N ASN B 169 -9.58 7.01 0.92
CA ASN B 169 -8.98 6.46 2.15
C ASN B 169 -7.99 7.44 2.84
N SER B 170 -7.36 8.31 2.06
CA SER B 170 -6.42 9.28 2.61
C SER B 170 -7.08 10.55 3.18
N LEU B 171 -8.42 10.64 3.17
CA LEU B 171 -9.13 11.83 3.66
C LEU B 171 -8.95 12.06 5.15
N PRO B 172 -9.12 11.05 6.03
CA PRO B 172 -8.95 11.29 7.46
C PRO B 172 -7.59 11.87 7.85
N GLY B 173 -6.51 11.29 7.35
CA GLY B 173 -5.15 11.75 7.63
C GLY B 173 -4.80 13.09 7.01
N SER B 174 -5.43 13.41 5.86
CA SER B 174 -5.24 14.67 5.18
C SER B 174 -5.81 15.81 6.02
N ILE B 175 -6.99 15.58 6.62
CA ILE B 175 -7.66 16.54 7.45
C ILE B 175 -6.83 16.88 8.69
N THR B 176 -6.26 15.85 9.37
CA THR B 176 -5.47 16.11 10.57
C THR B 176 -4.15 16.78 10.25
N LYS B 177 -3.52 16.45 9.11
CA LYS B 177 -2.22 17.01 8.69
C LYS B 177 -2.37 18.51 8.37
N ALA B 178 -3.46 18.89 7.70
CA ALA B 178 -3.75 20.28 7.41
C ALA B 178 -4.10 21.05 8.70
N GLY B 179 -4.79 20.37 9.63
CA GLY B 179 -5.13 20.96 10.92
C GLY B 179 -3.93 21.11 11.83
N ASP B 180 -2.88 20.30 11.63
CA ASP B 180 -1.63 20.37 12.40
C ASP B 180 -0.91 21.68 12.06
N PHE B 181 -0.80 22.00 10.77
CA PHE B 181 -0.15 23.21 10.27
C PHE B 181 -0.87 24.47 10.76
N LEU B 182 -2.21 24.46 10.76
CA LEU B 182 -3.04 25.58 11.16
C LEU B 182 -2.89 25.83 12.66
N GLU B 183 -2.91 24.75 13.45
CA GLU B 183 -2.79 24.80 14.89
C GLU B 183 -1.39 25.31 15.31
N ALA B 184 -0.32 24.83 14.62
CA ALA B 184 1.04 25.24 14.88
C ALA B 184 1.34 26.71 14.55
N ASN B 185 0.72 27.28 13.51
CA ASN B 185 0.98 28.67 13.14
C ASN B 185 -0.19 29.62 13.42
N TYR B 186 -1.18 29.20 14.21
CA TYR B 186 -2.36 30.01 14.51
C TYR B 186 -2.05 31.26 15.31
N MET B 187 -1.32 31.11 16.43
CA MET B 187 -0.99 32.19 17.37
C MET B 187 -0.17 33.33 16.77
N ASN B 188 0.44 33.12 15.60
CA ASN B 188 1.22 34.13 14.88
C ASN B 188 0.42 34.89 13.80
N LEU B 189 -0.89 34.59 13.64
CA LEU B 189 -1.74 35.27 12.64
C LEU B 189 -2.01 36.72 13.01
N GLN B 190 -1.94 37.62 12.02
CA GLN B 190 -2.14 39.05 12.21
C GLN B 190 -3.46 39.54 11.64
N ARG B 191 -3.95 38.91 10.56
CA ARG B 191 -5.19 39.29 9.89
C ARG B 191 -6.39 38.69 10.60
N SER B 192 -7.43 39.49 10.88
CA SER B 192 -8.66 38.98 11.51
C SER B 192 -9.41 37.98 10.60
N TYR B 193 -9.23 38.11 9.27
CA TYR B 193 -9.87 37.20 8.32
C TYR B 193 -9.30 35.81 8.50
N THR B 194 -7.97 35.67 8.61
CA THR B 194 -7.35 34.35 8.77
C THR B 194 -7.64 33.74 10.14
N VAL B 195 -7.85 34.57 11.16
CA VAL B 195 -8.18 34.09 12.50
C VAL B 195 -9.55 33.42 12.46
N ALA B 196 -10.51 34.02 11.76
CA ALA B 196 -11.88 33.49 11.59
C ALA B 196 -11.98 32.27 10.66
N ILE B 197 -11.30 32.25 9.49
CA ILE B 197 -11.35 31.09 8.59
C ILE B 197 -10.58 29.86 9.18
N ALA B 198 -9.39 30.06 9.81
CA ALA B 198 -8.63 28.96 10.44
C ALA B 198 -9.25 28.55 11.78
N GLY B 199 -9.91 29.50 12.46
CA GLY B 199 -10.63 29.27 13.70
C GLY B 199 -11.73 28.27 13.47
N TYR B 200 -12.57 28.52 12.45
CA TYR B 200 -13.65 27.61 12.03
C TYR B 200 -13.10 26.26 11.54
N ALA B 201 -12.05 26.24 10.69
CA ALA B 201 -11.43 24.99 10.23
C ALA B 201 -10.97 24.11 11.41
N LEU B 202 -10.41 24.73 12.47
CA LEU B 202 -9.94 24.04 13.67
C LEU B 202 -11.09 23.64 14.58
N ALA B 203 -12.13 24.51 14.68
CA ALA B 203 -13.34 24.27 15.47
C ALA B 203 -14.06 23.03 14.96
N GLN B 204 -14.10 22.84 13.62
CA GLN B 204 -14.72 21.67 12.96
C GLN B 204 -14.11 20.33 13.43
N MET B 205 -12.84 20.35 13.90
CA MET B 205 -12.16 19.17 14.39
C MET B 205 -11.79 19.23 15.87
N GLY B 206 -12.49 20.05 16.63
CA GLY B 206 -12.28 20.17 18.07
C GLY B 206 -10.92 20.59 18.55
N ARG B 207 -10.20 21.40 17.76
CA ARG B 207 -8.86 21.87 18.14
C ARG B 207 -8.77 23.39 18.32
N LEU B 208 -9.92 24.08 18.35
CA LEU B 208 -9.96 25.51 18.63
C LEU B 208 -10.26 25.53 20.10
N LYS B 209 -9.20 25.54 20.91
CA LYS B 209 -9.26 25.50 22.36
C LYS B 209 -7.97 26.08 22.96
N GLY B 210 -8.04 26.43 24.25
CA GLY B 210 -6.91 26.98 25.00
C GLY B 210 -6.51 28.36 24.54
N PRO B 211 -5.20 28.55 24.24
CA PRO B 211 -4.72 29.86 23.77
C PRO B 211 -5.26 30.23 22.39
N LEU B 212 -5.54 29.20 21.54
CA LEU B 212 -6.08 29.36 20.19
C LEU B 212 -7.50 29.92 20.29
N LEU B 213 -8.30 29.44 21.26
CA LEU B 213 -9.66 29.94 21.50
C LEU B 213 -9.63 31.35 22.09
N ASN B 214 -8.63 31.67 22.92
CA ASN B 214 -8.49 33.00 23.48
C ASN B 214 -8.19 34.04 22.36
N LYS B 215 -7.21 33.75 21.46
CA LYS B 215 -6.84 34.61 20.32
C LYS B 215 -8.02 34.80 19.35
N PHE B 216 -8.79 33.72 19.12
CA PHE B 216 -9.95 33.79 18.26
C PHE B 216 -10.99 34.81 18.80
N LEU B 217 -11.42 34.64 20.07
CA LEU B 217 -12.39 35.52 20.71
C LEU B 217 -11.87 36.92 20.97
N THR B 218 -10.56 37.08 21.16
CA THR B 218 -9.98 38.41 21.40
C THR B 218 -9.81 39.26 20.10
N THR B 219 -9.64 38.62 18.91
CA THR B 219 -9.55 39.41 17.67
C THR B 219 -10.92 40.05 17.26
N ALA B 220 -12.02 39.67 17.95
CA ALA B 220 -13.34 40.23 17.70
C ALA B 220 -13.44 41.62 18.27
N LYS B 221 -13.61 42.62 17.39
CA LYS B 221 -13.73 44.01 17.80
C LYS B 221 -15.14 44.21 18.34
N ASP B 222 -15.23 44.77 19.56
CA ASP B 222 -16.47 45.05 20.30
C ASP B 222 -17.31 43.80 20.58
N LYS B 223 -16.66 42.61 20.60
CA LYS B 223 -17.27 41.28 20.82
C LYS B 223 -18.40 40.95 19.83
N ASN B 224 -18.30 41.41 18.57
CA ASN B 224 -19.36 41.16 17.59
C ASN B 224 -18.89 40.89 16.17
N ARG B 225 -17.70 41.37 15.80
CA ARG B 225 -17.23 41.21 14.43
C ARG B 225 -15.75 40.91 14.34
N TRP B 226 -15.34 40.23 13.27
CA TRP B 226 -13.93 39.94 13.03
C TRP B 226 -13.50 40.81 11.88
N GLU B 227 -13.33 42.09 12.19
CA GLU B 227 -13.03 43.19 11.28
C GLU B 227 -11.57 43.36 10.94
N ASP B 228 -11.28 43.55 9.66
CA ASP B 228 -9.96 43.84 9.13
C ASP B 228 -10.07 45.20 8.44
N PRO B 229 -9.17 46.16 8.74
CA PRO B 229 -9.28 47.48 8.08
C PRO B 229 -9.12 47.34 6.57
N GLY B 230 -10.23 47.48 5.85
CA GLY B 230 -10.25 47.34 4.40
C GLY B 230 -11.64 47.19 3.80
N LYS B 231 -11.94 45.99 3.29
CA LYS B 231 -13.23 45.74 2.63
C LYS B 231 -14.35 45.28 3.56
N GLN B 232 -15.52 45.95 3.49
CA GLN B 232 -16.70 45.58 4.28
C GLN B 232 -17.28 44.23 3.84
N LEU B 233 -16.96 43.76 2.62
CA LEU B 233 -17.41 42.45 2.13
C LEU B 233 -16.60 41.33 2.82
N TYR B 234 -15.31 41.56 3.05
CA TYR B 234 -14.41 40.61 3.70
C TYR B 234 -14.78 40.47 5.17
N ASN B 235 -15.21 41.57 5.82
CA ASN B 235 -15.57 41.57 7.24
C ASN B 235 -16.84 40.78 7.51
N VAL B 236 -17.79 40.82 6.58
CA VAL B 236 -19.05 40.08 6.69
C VAL B 236 -18.76 38.58 6.51
N GLU B 237 -17.87 38.25 5.55
CA GLU B 237 -17.43 36.90 5.25
C GLU B 237 -16.68 36.28 6.44
N ALA B 238 -15.74 37.03 7.04
CA ALA B 238 -14.95 36.58 8.19
C ALA B 238 -15.83 36.40 9.42
N THR B 239 -16.74 37.36 9.73
CA THR B 239 -17.68 37.24 10.86
C THR B 239 -18.68 36.06 10.68
N SER B 240 -18.89 35.59 9.43
CA SER B 240 -19.75 34.46 9.10
C SER B 240 -19.01 33.15 9.38
N TYR B 241 -17.73 33.08 9.00
CA TYR B 241 -16.85 31.95 9.31
C TYR B 241 -16.70 31.86 10.84
N ALA B 242 -16.56 33.02 11.52
CA ALA B 242 -16.40 33.11 12.96
C ALA B 242 -17.68 32.76 13.71
N LEU B 243 -18.87 33.02 13.10
CA LEU B 243 -20.14 32.63 13.74
C LEU B 243 -20.32 31.11 13.62
N LEU B 244 -19.87 30.51 12.52
CA LEU B 244 -19.95 29.06 12.35
C LEU B 244 -19.03 28.34 13.34
N ALA B 245 -17.91 28.97 13.75
CA ALA B 245 -17.00 28.41 14.76
C ALA B 245 -17.64 28.55 16.15
N LEU B 246 -18.30 29.68 16.45
CA LEU B 246 -18.98 29.88 17.73
C LEU B 246 -20.09 28.85 17.95
N LEU B 247 -20.86 28.50 16.90
CA LEU B 247 -21.95 27.52 16.98
C LEU B 247 -21.39 26.11 17.15
N GLN B 248 -20.25 25.81 16.48
CA GLN B 248 -19.53 24.54 16.56
C GLN B 248 -18.96 24.35 17.98
N LEU B 249 -18.47 25.44 18.58
CA LEU B 249 -17.98 25.43 19.97
C LEU B 249 -19.13 25.34 21.00
N LYS B 250 -20.40 25.43 20.54
CA LYS B 250 -21.61 25.47 21.36
C LYS B 250 -21.49 26.62 22.38
N ASP B 251 -20.96 27.77 21.93
CA ASP B 251 -20.76 28.95 22.75
C ASP B 251 -21.91 29.92 22.54
N PHE B 252 -23.10 29.55 23.02
CA PHE B 252 -24.31 30.36 22.86
C PHE B 252 -24.40 31.45 23.92
N ASP B 253 -23.26 32.08 24.22
CA ASP B 253 -23.10 33.19 25.16
C ASP B 253 -22.52 34.40 24.38
N PHE B 254 -21.58 34.13 23.46
CA PHE B 254 -20.92 35.11 22.59
C PHE B 254 -21.72 35.32 21.27
N VAL B 255 -22.49 34.31 20.84
CA VAL B 255 -23.27 34.30 19.60
C VAL B 255 -24.29 35.46 19.46
N PRO B 256 -25.23 35.75 20.41
CA PRO B 256 -26.22 36.82 20.17
C PRO B 256 -25.69 38.17 19.62
N PRO B 257 -24.64 38.86 20.17
CA PRO B 257 -24.21 40.14 19.56
C PRO B 257 -23.53 40.01 18.20
N VAL B 258 -23.04 38.80 17.84
CA VAL B 258 -22.42 38.53 16.53
C VAL B 258 -23.52 38.49 15.47
N VAL B 259 -24.59 37.71 15.72
CA VAL B 259 -25.73 37.61 14.82
C VAL B 259 -26.39 38.99 14.66
N ARG B 260 -26.49 39.75 15.76
CA ARG B 260 -27.05 41.09 15.78
C ARG B 260 -26.30 41.99 14.79
N TRP B 261 -24.95 41.95 14.80
CA TRP B 261 -24.12 42.75 13.90
C TRP B 261 -24.28 42.31 12.46
N LEU B 262 -24.31 40.99 12.19
CA LEU B 262 -24.48 40.47 10.84
C LEU B 262 -25.83 40.88 10.25
N ASN B 263 -26.88 40.93 11.09
CA ASN B 263 -28.22 41.33 10.68
C ASN B 263 -28.26 42.84 10.46
N GLU B 264 -27.58 43.62 11.32
CA GLU B 264 -27.47 45.09 11.25
C GLU B 264 -26.82 45.56 9.94
N GLN B 265 -26.02 44.71 9.29
CA GLN B 265 -25.39 45.02 8.02
C GLN B 265 -26.41 45.10 6.89
N ARG B 266 -27.49 44.29 6.99
CA ARG B 266 -28.58 44.19 6.01
C ARG B 266 -28.01 43.77 4.67
N TYR B 267 -27.27 42.66 4.70
CA TYR B 267 -26.62 42.15 3.52
C TYR B 267 -27.48 41.07 2.88
N TYR B 268 -27.85 41.25 1.60
CA TYR B 268 -28.69 40.26 0.91
C TYR B 268 -28.03 39.60 -0.29
N GLY B 269 -26.69 39.57 -0.32
CA GLY B 269 -25.97 38.93 -1.41
C GLY B 269 -25.58 39.90 -2.51
N GLY B 270 -26.04 39.63 -3.74
CA GLY B 270 -25.75 40.54 -4.84
C GLY B 270 -24.78 40.02 -5.87
N GLY B 271 -24.48 40.87 -6.84
CA GLY B 271 -23.62 40.55 -7.97
C GLY B 271 -22.13 40.59 -7.73
N TYR B 272 -21.43 41.50 -8.45
CA TYR B 272 -19.96 41.64 -8.44
C TYR B 272 -19.33 41.55 -7.05
N GLY B 273 -18.39 40.61 -6.93
CA GLY B 273 -17.59 40.39 -5.73
C GLY B 273 -18.25 39.73 -4.54
N SER B 274 -19.55 39.38 -4.66
CA SER B 274 -20.30 38.82 -3.55
C SER B 274 -20.30 37.31 -3.41
N THR B 275 -19.48 36.59 -4.17
CA THR B 275 -19.46 35.14 -4.14
C THR B 275 -19.30 34.55 -2.73
N GLN B 276 -18.18 34.90 -2.02
CA GLN B 276 -17.94 34.37 -0.68
C GLN B 276 -18.75 35.00 0.44
N ALA B 277 -19.10 36.29 0.32
CA ALA B 277 -19.89 36.93 1.36
C ALA B 277 -21.33 36.44 1.34
N THR B 278 -21.89 36.14 0.14
CA THR B 278 -23.26 35.65 -0.03
C THR B 278 -23.35 34.21 0.42
N PHE B 279 -22.37 33.38 0.02
CA PHE B 279 -22.34 31.98 0.41
C PHE B 279 -22.18 31.86 1.93
N MET B 280 -21.23 32.61 2.50
CA MET B 280 -20.94 32.50 3.92
C MET B 280 -21.92 33.21 4.84
N VAL B 281 -22.50 34.37 4.49
CA VAL B 281 -23.48 35.04 5.37
C VAL B 281 -24.76 34.22 5.50
N PHE B 282 -25.17 33.50 4.44
CA PHE B 282 -26.38 32.71 4.48
C PHE B 282 -26.15 31.31 5.03
N GLN B 283 -24.94 30.75 4.87
CA GLN B 283 -24.62 29.46 5.46
C GLN B 283 -24.59 29.62 6.99
N ALA B 284 -24.00 30.71 7.51
CA ALA B 284 -23.91 30.99 8.94
C ALA B 284 -25.26 31.37 9.58
N LEU B 285 -26.10 32.16 8.88
CA LEU B 285 -27.40 32.55 9.42
C LEU B 285 -28.37 31.36 9.40
N ALA B 286 -28.28 30.47 8.38
CA ALA B 286 -29.14 29.28 8.35
C ALA B 286 -28.71 28.26 9.41
N GLN B 287 -27.43 28.23 9.76
CA GLN B 287 -26.91 27.33 10.78
C GLN B 287 -27.30 27.83 12.17
N TYR B 288 -27.29 29.15 12.40
CA TYR B 288 -27.69 29.76 13.67
C TYR B 288 -29.15 29.41 13.98
N GLN B 289 -30.02 29.46 12.96
CA GLN B 289 -31.44 29.13 13.06
C GLN B 289 -31.63 27.63 13.36
N LYS B 290 -30.81 26.78 12.74
CA LYS B 290 -30.82 25.33 12.94
C LYS B 290 -30.44 24.95 14.38
N ASP B 291 -29.38 25.56 14.93
CA ASP B 291 -28.92 25.28 16.29
C ASP B 291 -29.76 26.01 17.35
N GLY C 17 -0.93 -44.45 -47.19
CA GLY C 17 -0.81 -45.76 -46.56
C GLY C 17 0.52 -45.92 -45.85
N ALA C 18 1.58 -45.40 -46.47
CA ALA C 18 2.93 -45.44 -45.89
C ALA C 18 3.02 -44.42 -44.72
N ALA C 19 2.34 -43.28 -44.85
CA ALA C 19 2.33 -42.26 -43.81
C ALA C 19 1.48 -42.68 -42.61
N ALA C 20 0.40 -43.43 -42.85
CA ALA C 20 -0.45 -43.91 -41.76
C ALA C 20 0.30 -44.93 -40.92
N LEU C 21 1.16 -45.77 -41.55
CA LEU C 21 1.98 -46.76 -40.86
C LEU C 21 3.06 -46.08 -40.03
N CYS C 22 3.65 -44.99 -40.53
CA CYS C 22 4.68 -44.21 -39.83
C CYS C 22 4.13 -43.49 -38.62
N LYS C 23 2.86 -43.03 -38.70
CA LYS C 23 2.16 -42.30 -37.65
C LYS C 23 1.74 -43.25 -36.56
N MET C 24 1.23 -44.44 -36.90
CA MET C 24 0.82 -45.42 -35.89
C MET C 24 2.02 -45.98 -35.13
N LYS C 25 3.19 -46.08 -35.78
CA LYS C 25 4.41 -46.56 -35.11
C LYS C 25 4.93 -45.46 -34.18
N HIS C 26 4.89 -44.21 -34.63
CA HIS C 26 5.32 -43.05 -33.85
C HIS C 26 4.41 -42.83 -32.63
N LEU C 27 3.08 -42.83 -32.84
CA LEU C 27 2.09 -42.70 -31.77
C LEU C 27 2.20 -43.83 -30.74
N ALA C 28 2.71 -44.99 -31.12
CA ALA C 28 2.90 -46.10 -30.19
C ALA C 28 4.15 -45.86 -29.36
N ASP C 29 5.22 -45.36 -30.00
CA ASP C 29 6.50 -45.06 -29.38
C ASP C 29 6.34 -43.94 -28.36
N LYS C 30 5.52 -42.94 -28.69
CA LYS C 30 5.27 -41.82 -27.80
C LYS C 30 4.41 -42.23 -26.59
N VAL C 31 3.44 -43.12 -26.80
CA VAL C 31 2.60 -43.61 -25.70
C VAL C 31 3.39 -44.55 -24.77
N ALA C 32 4.31 -45.37 -25.32
CA ALA C 32 5.12 -46.28 -24.51
C ALA C 32 6.28 -45.58 -23.79
N GLU C 33 6.92 -44.63 -24.46
CA GLU C 33 8.07 -43.92 -23.90
C GLU C 33 7.73 -42.67 -23.07
N LYS C 34 6.74 -41.86 -23.51
CA LYS C 34 6.44 -40.59 -22.83
C LYS C 34 5.03 -40.40 -22.22
N ARG C 35 3.94 -40.49 -23.01
CA ARG C 35 2.57 -40.19 -22.59
C ARG C 35 2.06 -40.96 -21.37
N SER C 36 2.29 -42.29 -21.30
CA SER C 36 1.84 -43.16 -20.20
C SER C 36 2.42 -42.75 -18.86
N GLN C 37 3.71 -42.38 -18.84
CA GLN C 37 4.39 -41.92 -17.63
C GLN C 37 3.84 -40.55 -17.20
N GLU C 38 3.53 -39.67 -18.16
CA GLU C 38 2.96 -38.35 -17.88
C GLU C 38 1.58 -38.50 -17.23
N LEU C 39 0.66 -39.24 -17.85
CA LEU C 39 -0.68 -39.45 -17.30
C LEU C 39 -0.60 -40.11 -15.92
N LYS C 40 0.30 -41.09 -15.76
CA LYS C 40 0.47 -41.80 -14.50
C LYS C 40 0.89 -40.86 -13.37
N ASP C 41 1.92 -40.02 -13.60
CA ASP C 41 2.41 -39.10 -12.58
C ASP C 41 1.41 -37.97 -12.28
N ARG C 42 0.82 -37.35 -13.32
CA ARG C 42 -0.18 -36.29 -13.15
C ARG C 42 -1.45 -36.73 -12.43
N THR C 43 -1.83 -38.00 -12.54
CA THR C 43 -3.01 -38.52 -11.84
C THR C 43 -2.67 -38.76 -10.36
N GLN C 44 -1.48 -39.30 -10.10
CA GLN C 44 -1.05 -39.57 -8.74
C GLN C 44 -0.69 -38.30 -7.95
N ASN C 45 -0.34 -37.20 -8.64
CA ASN C 45 -0.04 -35.93 -7.98
C ASN C 45 -1.30 -35.31 -7.38
N PHE C 46 -2.46 -35.52 -8.01
CA PHE C 46 -3.77 -34.99 -7.55
C PHE C 46 -4.09 -35.37 -6.11
N ALA C 47 -3.90 -36.65 -5.75
CA ALA C 47 -4.16 -37.11 -4.39
C ALA C 47 -3.21 -36.48 -3.37
N GLY C 48 -1.97 -36.22 -3.78
CA GLY C 48 -0.97 -35.60 -2.94
C GLY C 48 -1.27 -34.13 -2.68
N TYR C 49 -1.94 -33.45 -3.65
CA TYR C 49 -2.28 -32.03 -3.45
C TYR C 49 -3.43 -31.92 -2.46
N ILE C 50 -4.42 -32.84 -2.54
CA ILE C 50 -5.58 -32.86 -1.66
C ILE C 50 -5.16 -33.14 -0.23
N GLU C 51 -4.20 -34.05 -0.05
CA GLU C 51 -3.68 -34.36 1.29
C GLU C 51 -2.89 -33.18 1.84
N PHE C 52 -2.14 -32.49 0.97
CA PHE C 52 -1.38 -31.31 1.39
C PHE C 52 -2.30 -30.24 1.96
N GLU C 53 -3.47 -30.00 1.34
CA GLU C 53 -4.38 -28.98 1.85
C GLU C 53 -4.97 -29.36 3.21
N LEU C 54 -5.06 -30.67 3.53
CA LEU C 54 -5.54 -31.12 4.84
C LEU C 54 -4.49 -30.90 5.90
N TYR C 55 -3.23 -31.25 5.57
CA TYR C 55 -2.03 -31.12 6.39
C TYR C 55 -1.75 -29.64 6.68
N ARG C 56 -1.98 -28.77 5.69
CA ARG C 56 -1.80 -27.33 5.77
C ARG C 56 -2.85 -26.68 6.65
N ILE C 57 -4.14 -26.96 6.48
CA ILE C 57 -5.19 -26.44 7.36
C ILE C 57 -4.96 -26.87 8.81
N ASP C 58 -4.28 -28.00 9.05
CA ASP C 58 -3.96 -28.45 10.39
C ASP C 58 -2.88 -27.56 11.01
N TYR C 59 -1.89 -27.19 10.22
CA TYR C 59 -0.80 -26.32 10.63
C TYR C 59 -1.33 -24.90 10.95
N TRP C 60 -2.36 -24.43 10.23
CA TRP C 60 -2.99 -23.15 10.53
C TRP C 60 -3.85 -23.27 11.80
N LEU C 61 -4.45 -24.43 12.02
CA LEU C 61 -5.24 -24.71 13.21
C LEU C 61 -4.34 -24.72 14.46
N GLU C 62 -3.07 -25.18 14.33
CA GLU C 62 -2.10 -25.18 15.45
C GLU C 62 -1.77 -23.75 15.91
N LYS C 63 -1.88 -22.75 14.99
CA LYS C 63 -1.58 -21.35 15.28
C LYS C 63 -2.67 -20.63 16.10
N LEU C 64 -3.84 -21.26 16.28
CA LEU C 64 -4.90 -20.70 17.10
C LEU C 64 -4.63 -21.08 18.57
N ASP C 72 0.74 -11.29 17.54
CA ASP C 72 0.42 -10.81 16.20
C ASP C 72 -0.34 -11.82 15.32
N GLY C 73 -1.23 -11.29 14.49
CA GLY C 73 -2.01 -12.10 13.58
C GLY C 73 -3.06 -12.91 14.30
N TYR C 74 -2.75 -14.21 14.54
CA TYR C 74 -3.66 -15.15 15.22
C TYR C 74 -3.80 -14.86 16.71
N ALA C 75 -2.77 -14.27 17.33
CA ALA C 75 -2.76 -13.95 18.76
C ALA C 75 -3.71 -12.79 19.11
N LYS C 76 -4.00 -11.90 18.14
CA LYS C 76 -4.90 -10.76 18.28
C LYS C 76 -6.41 -11.19 18.32
N LEU C 77 -6.72 -12.44 17.94
CA LEU C 77 -8.08 -12.95 17.94
C LEU C 77 -8.59 -13.22 19.34
N SER C 78 -9.84 -12.81 19.61
CA SER C 78 -10.46 -13.07 20.91
C SER C 78 -10.97 -14.52 20.95
N ASP C 79 -11.31 -15.03 22.15
CA ASP C 79 -11.82 -16.39 22.35
C ASP C 79 -13.00 -16.73 21.42
N SER C 80 -13.95 -15.82 21.27
CA SER C 80 -15.10 -16.05 20.40
C SER C 80 -14.67 -16.11 18.94
N ASP C 81 -13.76 -15.22 18.53
CA ASP C 81 -13.21 -15.14 17.17
C ASP C 81 -12.45 -16.44 16.80
N ILE C 82 -11.69 -17.01 17.75
CA ILE C 82 -10.91 -18.23 17.55
C ILE C 82 -11.80 -19.41 17.11
N GLU C 83 -13.05 -19.44 17.57
CA GLU C 83 -14.01 -20.51 17.30
C GLU C 83 -14.61 -20.41 15.91
N LYS C 84 -14.82 -19.19 15.41
CA LYS C 84 -15.38 -18.93 14.07
C LYS C 84 -14.39 -19.38 13.01
N VAL C 85 -13.10 -19.03 13.20
CA VAL C 85 -12.00 -19.39 12.31
C VAL C 85 -11.81 -20.89 12.31
N LYS C 86 -11.88 -21.51 13.49
CA LYS C 86 -11.74 -22.96 13.67
C LYS C 86 -12.85 -23.66 12.96
N GLU C 87 -14.09 -23.15 13.05
CA GLU C 87 -15.24 -23.72 12.37
C GLU C 87 -15.08 -23.68 10.84
N ILE C 88 -14.63 -22.55 10.29
CA ILE C 88 -14.37 -22.37 8.87
C ILE C 88 -13.28 -23.37 8.40
N PHE C 89 -12.26 -23.56 9.21
CA PHE C 89 -11.17 -24.47 8.90
C PHE C 89 -11.63 -25.92 8.95
N ASP C 90 -12.46 -26.27 9.94
CA ASP C 90 -12.96 -27.62 10.09
C ASP C 90 -13.92 -28.00 8.97
N LYS C 91 -14.67 -27.03 8.43
CA LYS C 91 -15.60 -27.28 7.34
C LYS C 91 -14.90 -27.35 5.97
N ALA C 92 -13.78 -26.65 5.83
CA ALA C 92 -13.01 -26.68 4.59
C ALA C 92 -12.37 -28.06 4.47
N LYS C 93 -11.83 -28.62 5.60
CA LYS C 93 -11.25 -29.97 5.69
C LYS C 93 -12.28 -31.04 5.34
N ASP C 94 -13.53 -30.84 5.73
CA ASP C 94 -14.60 -31.76 5.40
C ASP C 94 -14.79 -31.82 3.86
N GLY C 95 -14.82 -30.67 3.21
CA GLY C 95 -14.97 -30.57 1.76
C GLY C 95 -13.77 -31.04 0.97
N ILE C 96 -12.56 -30.82 1.51
CA ILE C 96 -11.33 -31.27 0.86
C ILE C 96 -11.22 -32.80 1.00
N ALA C 97 -11.47 -33.32 2.21
CA ALA C 97 -11.34 -34.74 2.46
C ALA C 97 -12.35 -35.56 1.67
N LYS C 98 -13.55 -35.00 1.41
CA LYS C 98 -14.61 -35.64 0.63
C LYS C 98 -14.13 -36.07 -0.77
N GLN C 99 -13.17 -35.35 -1.33
CA GLN C 99 -12.61 -35.62 -2.66
C GLN C 99 -11.42 -36.59 -2.66
N LEU C 100 -10.92 -36.96 -1.48
CA LEU C 100 -9.76 -37.83 -1.35
C LEU C 100 -10.03 -39.31 -1.74
N PRO C 101 -11.21 -39.92 -1.45
CA PRO C 101 -11.43 -41.32 -1.88
C PRO C 101 -11.52 -41.51 -3.41
N GLU C 102 -11.92 -40.47 -4.14
CA GLU C 102 -12.04 -40.48 -5.60
C GLU C 102 -10.63 -40.34 -6.23
N ALA C 103 -9.81 -39.45 -5.69
CA ALA C 103 -8.45 -39.15 -6.16
C ALA C 103 -7.42 -40.22 -5.80
N LYS C 104 -7.67 -40.98 -4.71
CA LYS C 104 -6.81 -42.08 -4.30
C LYS C 104 -7.05 -43.31 -5.20
N LYS C 105 -8.33 -43.56 -5.55
CA LYS C 105 -8.73 -44.65 -6.44
C LYS C 105 -8.22 -44.37 -7.84
N ALA C 106 -8.25 -43.10 -8.29
CA ALA C 106 -7.75 -42.71 -9.58
C ALA C 106 -6.23 -42.98 -9.66
N GLY C 107 -5.49 -42.64 -8.62
CA GLY C 107 -4.04 -42.84 -8.54
C GLY C 107 -3.63 -44.29 -8.35
N GLU C 108 -4.53 -45.12 -7.84
CA GLU C 108 -4.26 -46.55 -7.67
C GLU C 108 -4.51 -47.28 -9.02
N ASP C 109 -5.54 -46.85 -9.76
CA ASP C 109 -5.86 -47.38 -11.07
C ASP C 109 -4.76 -46.97 -12.06
N ALA C 110 -4.32 -45.70 -12.02
CA ALA C 110 -3.24 -45.21 -12.89
C ALA C 110 -1.88 -45.88 -12.64
N GLU C 111 -1.76 -46.71 -11.61
CA GLU C 111 -0.52 -47.44 -11.32
C GLU C 111 -0.53 -48.77 -12.11
N LYS C 112 -1.69 -49.44 -12.14
CA LYS C 112 -1.89 -50.68 -12.86
C LYS C 112 -2.07 -50.42 -14.35
N LEU C 113 -2.83 -49.37 -14.71
CA LEU C 113 -3.11 -48.99 -16.10
C LEU C 113 -1.90 -48.53 -16.85
N HIS C 114 -0.95 -47.90 -16.17
CA HIS C 114 0.27 -47.43 -16.81
C HIS C 114 1.09 -48.59 -17.37
N THR C 115 1.20 -49.68 -16.61
CA THR C 115 2.00 -50.83 -17.02
C THR C 115 1.33 -51.63 -18.16
N GLU C 116 -0.01 -51.61 -18.23
CA GLU C 116 -0.73 -52.26 -19.32
C GLU C 116 -0.59 -51.42 -20.59
N VAL C 117 -0.66 -50.07 -20.45
CA VAL C 117 -0.52 -49.11 -21.56
C VAL C 117 0.91 -49.12 -22.09
N LYS C 118 1.90 -49.16 -21.20
CA LYS C 118 3.29 -49.16 -21.60
C LYS C 118 3.65 -50.44 -22.31
N GLU C 119 3.15 -51.59 -21.82
CA GLU C 119 3.43 -52.91 -22.41
C GLU C 119 2.78 -53.10 -23.78
N ALA C 120 1.46 -52.84 -23.91
CA ALA C 120 0.72 -53.02 -25.16
C ALA C 120 1.29 -52.18 -26.31
N ALA C 121 1.70 -50.93 -26.02
CA ALA C 121 2.27 -50.03 -27.02
C ALA C 121 3.67 -50.44 -27.43
N ALA C 122 4.45 -51.04 -26.51
CA ALA C 122 5.82 -51.52 -26.79
C ALA C 122 5.79 -52.73 -27.72
N ASN C 123 4.81 -53.63 -27.52
CA ASN C 123 4.61 -54.80 -28.37
C ASN C 123 4.08 -54.38 -29.74
N ALA C 124 3.19 -53.38 -29.77
CA ALA C 124 2.66 -52.87 -31.03
C ALA C 124 3.72 -52.15 -31.87
N ARG C 125 4.86 -51.72 -31.28
CA ARG C 125 5.88 -51.01 -32.07
C ARG C 125 7.16 -51.83 -32.38
N GLY C 126 7.30 -53.04 -31.82
CA GLY C 126 8.47 -53.86 -32.09
C GLY C 126 8.37 -54.63 -33.40
N GLN C 127 7.16 -55.16 -33.67
CA GLN C 127 6.84 -55.88 -34.90
C GLN C 127 6.22 -54.95 -35.95
N ASP C 128 5.61 -53.81 -35.53
CA ASP C 128 5.13 -52.82 -36.50
C ASP C 128 6.34 -52.03 -37.08
N LEU C 129 7.46 -51.95 -36.34
CA LEU C 129 8.72 -51.36 -36.80
C LEU C 129 9.31 -52.29 -37.90
N ASP C 130 9.15 -53.64 -37.75
CA ASP C 130 9.56 -54.65 -38.73
C ASP C 130 8.79 -54.54 -40.06
N ASP C 131 7.79 -53.64 -40.17
CA ASP C 131 7.07 -53.47 -41.42
C ASP C 131 7.88 -52.72 -42.50
N HIS C 132 9.20 -52.53 -42.26
CA HIS C 132 10.14 -52.02 -43.26
C HIS C 132 10.57 -53.17 -44.25
N LYS C 133 10.24 -54.44 -43.92
CA LYS C 133 10.50 -55.62 -44.72
C LYS C 133 9.34 -55.87 -45.69
N CYS C 179 9.87 -42.63 -42.84
CA CYS C 179 9.12 -42.06 -41.72
C CYS C 179 9.75 -40.76 -41.22
N SER C 180 10.18 -39.87 -42.13
CA SER C 180 10.79 -38.60 -41.71
C SER C 180 9.76 -37.46 -41.66
N SER C 181 8.72 -37.52 -42.51
CA SER C 181 7.65 -36.51 -42.58
C SER C 181 6.69 -36.56 -41.38
N THR C 182 6.63 -37.70 -40.67
CA THR C 182 5.77 -37.83 -39.49
C THR C 182 6.37 -37.09 -38.28
N GLY C 183 7.71 -37.07 -38.18
CA GLY C 183 8.41 -36.35 -37.12
C GLY C 183 8.39 -34.85 -37.34
N TYR C 184 8.33 -34.42 -38.61
CA TYR C 184 8.24 -33.01 -38.93
C TYR C 184 6.82 -32.50 -38.62
N GLU C 185 5.80 -33.29 -38.98
CA GLU C 185 4.40 -32.96 -38.74
C GLU C 185 3.97 -33.34 -37.33
N GLU C 186 4.82 -33.06 -36.34
CA GLU C 186 4.49 -33.40 -34.96
C GLU C 186 3.54 -32.38 -34.38
N ASN C 187 2.36 -32.83 -34.02
CA ASN C 187 1.36 -31.97 -33.40
C ASN C 187 1.29 -32.14 -31.87
N TYR C 188 2.08 -33.09 -31.30
CA TYR C 188 2.20 -33.43 -29.88
C TYR C 188 0.88 -33.94 -29.26
N ASP C 189 -0.02 -34.48 -30.09
CA ASP C 189 -1.28 -35.06 -29.62
C ASP C 189 -1.07 -36.55 -29.52
N TRP C 190 -0.90 -37.08 -28.30
CA TRP C 190 -0.69 -38.51 -28.10
C TRP C 190 -1.80 -39.17 -27.29
N SER C 191 -3.03 -38.74 -27.54
CA SER C 191 -4.21 -39.28 -26.88
C SER C 191 -4.70 -40.56 -27.57
N ALA C 192 -5.62 -41.29 -26.92
CA ALA C 192 -6.23 -42.49 -27.52
C ALA C 192 -7.06 -42.16 -28.78
N ASN C 193 -7.53 -40.92 -28.89
CA ASN C 193 -8.29 -40.40 -30.03
C ASN C 193 -7.35 -40.16 -31.24
N ALA C 194 -6.09 -39.76 -30.99
CA ALA C 194 -5.12 -39.57 -32.06
C ALA C 194 -4.71 -40.93 -32.63
N LEU C 195 -4.51 -41.93 -31.73
CA LEU C 195 -4.20 -43.31 -32.09
C LEU C 195 -5.34 -43.94 -32.89
N GLN C 196 -6.58 -43.59 -32.54
CA GLN C 196 -7.77 -44.07 -33.22
C GLN C 196 -7.88 -43.46 -34.61
N VAL C 197 -7.68 -42.11 -34.72
CA VAL C 197 -7.74 -41.37 -35.98
C VAL C 197 -6.65 -41.83 -36.97
N ALA C 198 -5.52 -42.32 -36.47
CA ALA C 198 -4.44 -42.84 -37.30
C ALA C 198 -4.79 -44.25 -37.77
N LEU C 199 -5.48 -45.04 -36.93
CA LEU C 199 -5.93 -46.39 -37.28
C LEU C 199 -7.06 -46.31 -38.30
N ASN C 200 -7.97 -45.32 -38.16
CA ASN C 200 -9.09 -45.08 -39.07
C ASN C 200 -8.58 -44.63 -40.44
N SER C 201 -7.50 -43.83 -40.48
CA SER C 201 -6.94 -43.38 -41.75
C SER C 201 -6.25 -44.54 -42.48
N TRP C 202 -5.61 -45.46 -41.74
CA TRP C 202 -4.98 -46.65 -42.33
C TRP C 202 -6.07 -47.61 -42.83
N GLU C 203 -7.17 -47.75 -42.07
CA GLU C 203 -8.27 -48.63 -42.43
C GLU C 203 -8.99 -48.19 -43.72
N ASN C 204 -8.85 -46.92 -44.13
CA ASN C 204 -9.44 -46.45 -45.37
C ASN C 204 -8.51 -46.75 -46.55
N VAL C 205 -7.18 -46.61 -46.36
CA VAL C 205 -6.22 -46.86 -47.43
C VAL C 205 -5.56 -48.25 -47.33
N GLN C 237 -1.68 -55.07 -34.92
CA GLN C 237 -3.04 -54.51 -35.01
C GLN C 237 -3.85 -54.85 -33.75
N THR C 238 -3.71 -56.08 -33.27
CA THR C 238 -4.40 -56.57 -32.09
C THR C 238 -3.85 -55.92 -30.80
N HIS C 239 -2.53 -55.64 -30.78
CA HIS C 239 -1.88 -54.98 -29.65
C HIS C 239 -2.20 -53.48 -29.66
N TYR C 240 -2.29 -52.88 -30.86
CA TYR C 240 -2.59 -51.45 -31.05
C TYR C 240 -4.03 -51.17 -30.61
N LYS C 241 -4.97 -52.07 -30.93
CA LYS C 241 -6.37 -51.94 -30.51
C LYS C 241 -6.50 -51.96 -28.97
N GLU C 242 -5.63 -52.73 -28.30
CA GLU C 242 -5.57 -52.83 -26.85
C GLU C 242 -4.96 -51.54 -26.25
N THR C 243 -3.96 -50.96 -26.93
CA THR C 243 -3.32 -49.71 -26.52
C THR C 243 -4.34 -48.59 -26.48
N VAL C 244 -5.20 -48.49 -27.51
CA VAL C 244 -6.24 -47.45 -27.58
C VAL C 244 -7.27 -47.62 -26.46
N LYS C 245 -7.71 -48.87 -26.23
CA LYS C 245 -8.69 -49.23 -25.20
C LYS C 245 -8.18 -48.92 -23.79
N LYS C 246 -6.91 -49.25 -23.52
CA LYS C 246 -6.31 -49.03 -22.20
C LYS C 246 -5.91 -47.59 -21.98
N LEU C 247 -5.50 -46.88 -23.04
CA LEU C 247 -5.17 -45.46 -22.94
C LEU C 247 -6.42 -44.63 -22.60
N LYS C 248 -7.60 -45.05 -23.06
CA LYS C 248 -8.86 -44.39 -22.73
C LYS C 248 -9.17 -44.59 -21.25
N GLU C 249 -8.87 -45.78 -20.71
CA GLU C 249 -9.09 -46.10 -19.30
C GLU C 249 -8.13 -45.26 -18.44
N LEU C 250 -6.87 -45.11 -18.89
CA LEU C 250 -5.83 -44.32 -18.23
C LEU C 250 -6.15 -42.83 -18.23
N GLU C 251 -6.70 -42.34 -19.34
CA GLU C 251 -7.12 -40.95 -19.44
C GLU C 251 -8.40 -40.66 -18.60
N GLY C 252 -9.23 -41.68 -18.41
CA GLY C 252 -10.44 -41.61 -17.60
C GLY C 252 -10.12 -41.56 -16.12
N ALA C 253 -9.02 -42.21 -15.71
CA ALA C 253 -8.52 -42.18 -14.34
C ALA C 253 -7.94 -40.77 -14.05
N HIS C 254 -7.26 -40.17 -15.05
CA HIS C 254 -6.73 -38.81 -14.96
C HIS C 254 -7.87 -37.83 -14.76
N GLU C 255 -8.96 -37.98 -15.51
CA GLU C 255 -10.12 -37.10 -15.41
C GLU C 255 -10.87 -37.29 -14.10
N LYS C 256 -10.96 -38.52 -13.56
CA LYS C 256 -11.60 -38.76 -12.27
C LYS C 256 -10.83 -38.02 -11.15
N GLY C 257 -9.51 -38.05 -11.22
CA GLY C 257 -8.66 -37.36 -10.26
C GLY C 257 -8.66 -35.86 -10.46
N ARG C 258 -8.88 -35.40 -11.70
CA ARG C 258 -8.91 -33.99 -12.06
C ARG C 258 -10.21 -33.38 -11.51
N ARG C 259 -11.34 -34.03 -11.74
CA ARG C 259 -12.64 -33.57 -11.22
C ARG C 259 -12.71 -33.60 -9.67
N ALA C 260 -11.85 -34.38 -9.02
CA ALA C 260 -11.78 -34.44 -7.57
C ALA C 260 -10.89 -33.30 -7.06
N HIS C 261 -9.76 -33.05 -7.75
CA HIS C 261 -8.83 -31.98 -7.37
C HIS C 261 -9.51 -30.63 -7.48
N ASP C 262 -10.25 -30.41 -8.57
CA ASP C 262 -10.92 -29.14 -8.82
C ASP C 262 -12.06 -28.89 -7.83
N ALA C 263 -12.75 -29.95 -7.41
CA ALA C 263 -13.81 -29.85 -6.41
C ALA C 263 -13.28 -29.52 -5.00
N MET C 264 -12.02 -29.85 -4.75
CA MET C 264 -11.31 -29.56 -3.50
C MET C 264 -10.90 -28.10 -3.43
N LEU C 265 -10.58 -27.48 -4.58
CA LEU C 265 -10.10 -26.11 -4.70
C LEU C 265 -10.96 -25.07 -4.00
N GLY C 266 -12.28 -25.13 -4.16
CA GLY C 266 -13.16 -24.16 -3.51
C GLY C 266 -12.97 -24.03 -2.01
N TYR C 267 -12.89 -25.18 -1.34
CA TYR C 267 -12.70 -25.33 0.09
C TYR C 267 -11.31 -24.87 0.57
N ALA C 268 -10.27 -25.26 -0.18
CA ALA C 268 -8.89 -24.91 0.11
C ALA C 268 -8.62 -23.43 -0.13
N ASN C 269 -9.35 -22.80 -1.06
CA ASN C 269 -9.24 -21.37 -1.35
C ASN C 269 -9.89 -20.58 -0.23
N THR C 270 -11.05 -21.06 0.30
CA THR C 270 -11.75 -20.42 1.42
C THR C 270 -10.81 -20.36 2.64
N ALA C 271 -10.15 -21.49 2.96
CA ALA C 271 -9.20 -21.62 4.07
C ALA C 271 -7.92 -20.79 3.86
N TYR C 272 -7.44 -20.63 2.61
CA TYR C 272 -6.25 -19.83 2.29
C TYR C 272 -6.58 -18.35 2.49
N ALA C 273 -7.74 -17.91 2.02
CA ALA C 273 -8.19 -16.54 2.17
C ALA C 273 -8.35 -16.17 3.65
N VAL C 274 -8.83 -17.11 4.51
CA VAL C 274 -8.94 -16.82 5.93
C VAL C 274 -7.55 -16.63 6.58
N ASN C 275 -6.59 -17.54 6.33
CA ASN C 275 -5.23 -17.41 6.87
C ASN C 275 -4.58 -16.05 6.53
N THR C 276 -4.78 -15.54 5.30
CA THR C 276 -4.21 -14.25 4.89
C THR C 276 -4.89 -13.10 5.62
N LYS C 277 -6.23 -13.12 5.72
CA LYS C 277 -6.97 -12.07 6.42
C LYS C 277 -6.71 -12.07 7.92
N VAL C 278 -6.47 -13.23 8.50
CA VAL C 278 -6.18 -13.36 9.93
C VAL C 278 -4.75 -12.86 10.21
N GLU C 279 -3.79 -13.11 9.29
CA GLU C 279 -2.43 -12.61 9.48
C GLU C 279 -2.31 -11.13 9.15
N GLN C 280 -3.19 -10.59 8.27
CA GLN C 280 -3.22 -9.15 8.00
C GLN C 280 -4.01 -8.37 9.11
N GLU C 281 -4.45 -9.06 10.18
CA GLU C 281 -5.20 -8.57 11.34
C GLU C 281 -6.50 -7.86 10.99
N LYS C 282 -7.18 -8.31 9.92
CA LYS C 282 -8.47 -7.78 9.50
C LYS C 282 -9.56 -8.20 10.49
N PRO C 283 -10.58 -7.35 10.73
CA PRO C 283 -11.64 -7.73 11.69
C PRO C 283 -12.45 -8.98 11.27
N LEU C 284 -13.22 -9.55 12.21
CA LEU C 284 -14.02 -10.76 11.97
C LEU C 284 -14.94 -10.68 10.74
N ALA C 285 -15.62 -9.54 10.52
CA ALA C 285 -16.52 -9.41 9.37
C ALA C 285 -15.77 -9.55 8.06
N GLU C 286 -14.53 -9.05 8.01
CA GLU C 286 -13.65 -9.08 6.84
C GLU C 286 -13.17 -10.48 6.51
N VAL C 287 -12.82 -11.29 7.53
CA VAL C 287 -12.34 -12.64 7.30
C VAL C 287 -13.50 -13.55 6.82
N ILE C 288 -14.73 -13.33 7.32
CA ILE C 288 -15.91 -14.10 6.93
C ILE C 288 -16.33 -13.73 5.50
N ALA C 289 -16.26 -12.44 5.16
CA ALA C 289 -16.60 -11.96 3.83
C ALA C 289 -15.64 -12.54 2.79
N ALA C 290 -14.33 -12.62 3.13
CA ALA C 290 -13.30 -13.17 2.25
C ALA C 290 -13.42 -14.67 2.08
N ALA C 291 -13.87 -15.38 3.12
CA ALA C 291 -14.07 -16.83 3.08
C ALA C 291 -15.23 -17.16 2.13
N LYS C 292 -16.33 -16.40 2.22
CA LYS C 292 -17.51 -16.57 1.37
C LYS C 292 -17.22 -16.30 -0.13
N GLU C 293 -16.39 -15.29 -0.42
CA GLU C 293 -16.05 -14.94 -1.80
C GLU C 293 -15.12 -15.96 -2.48
N ALA C 294 -14.46 -16.82 -1.70
CA ALA C 294 -13.54 -17.81 -2.26
C ALA C 294 -14.20 -19.19 -2.37
N GLY C 295 -15.47 -19.20 -2.77
CA GLY C 295 -16.24 -20.43 -2.95
C GLY C 295 -17.36 -20.28 -3.96
N ALA D 3 36.20 -8.67 -17.95
CA ALA D 3 37.19 -9.61 -17.42
C ALA D 3 37.72 -9.12 -16.03
N GLU D 4 38.39 -7.97 -15.95
CA GLU D 4 38.83 -7.38 -14.67
C GLU D 4 38.10 -6.06 -14.36
N ARG D 5 37.03 -5.74 -15.13
CA ARG D 5 36.21 -4.55 -14.93
C ARG D 5 35.06 -4.82 -13.94
N LEU D 6 35.28 -5.76 -13.00
CA LEU D 6 34.31 -6.14 -11.98
C LEU D 6 34.80 -5.76 -10.57
N LYS D 7 35.71 -4.78 -10.46
CA LYS D 7 36.20 -4.35 -9.17
C LYS D 7 35.06 -3.63 -8.41
N HIS D 8 34.19 -2.89 -9.12
CA HIS D 8 33.08 -2.15 -8.52
C HIS D 8 31.97 -3.04 -7.95
N LEU D 9 31.95 -4.32 -8.34
CA LEU D 9 30.96 -5.27 -7.86
C LEU D 9 31.24 -5.73 -6.43
N ILE D 10 32.46 -5.55 -5.91
CA ILE D 10 32.78 -5.94 -4.52
C ILE D 10 32.23 -4.84 -3.60
N VAL D 11 31.00 -5.03 -3.13
CA VAL D 11 30.31 -4.02 -2.34
C VAL D 11 30.15 -4.39 -0.86
N THR D 12 30.39 -3.42 0.03
CA THR D 12 30.18 -3.57 1.46
C THR D 12 28.67 -3.45 1.71
N PRO D 13 28.02 -4.55 2.17
CA PRO D 13 26.57 -4.48 2.37
C PRO D 13 26.20 -3.56 3.51
N SER D 14 25.11 -2.82 3.36
CA SER D 14 24.63 -1.91 4.41
C SER D 14 23.15 -1.61 4.19
N GLY D 15 22.45 -1.35 5.28
CA GLY D 15 21.04 -1.03 5.19
C GLY D 15 20.16 -2.05 5.88
N ALA D 16 18.89 -2.02 5.55
CA ALA D 16 17.90 -2.92 6.12
C ALA D 16 17.29 -3.82 5.06
N GLY D 17 16.72 -4.96 5.46
CA GLY D 17 16.00 -5.94 4.65
C GLY D 17 16.20 -5.96 3.15
N GLU D 18 15.67 -4.96 2.43
CA GLU D 18 15.80 -4.86 0.99
C GLU D 18 17.19 -4.34 0.57
N GLN D 19 17.62 -3.22 1.19
CA GLN D 19 18.90 -2.56 0.99
C GLN D 19 20.10 -3.45 1.26
N ASN D 20 20.02 -4.32 2.28
CA ASN D 20 21.14 -5.23 2.55
C ASN D 20 21.33 -6.21 1.39
N MET D 21 20.23 -6.70 0.80
CA MET D 21 20.22 -7.63 -0.33
C MET D 21 20.61 -7.00 -1.66
N ILE D 22 20.40 -5.66 -1.81
CA ILE D 22 20.83 -4.85 -2.96
C ILE D 22 22.37 -4.79 -2.94
N GLY D 23 22.95 -4.55 -1.75
CA GLY D 23 24.39 -4.42 -1.50
C GLY D 23 25.12 -5.75 -1.53
N MET D 24 24.47 -6.79 -1.02
CA MET D 24 25.03 -8.12 -0.97
C MET D 24 25.16 -8.72 -2.38
N THR D 25 24.06 -8.68 -3.17
CA THR D 25 23.94 -9.20 -4.55
C THR D 25 25.21 -9.07 -5.40
N PRO D 26 25.79 -7.88 -5.65
CA PRO D 26 26.95 -7.80 -6.55
C PRO D 26 28.19 -8.54 -6.05
N THR D 27 28.48 -8.49 -4.73
CA THR D 27 29.65 -9.18 -4.18
C THR D 27 29.51 -10.69 -4.36
N VAL D 28 28.34 -11.23 -4.03
CA VAL D 28 28.06 -12.67 -4.11
C VAL D 28 28.26 -13.23 -5.52
N ILE D 29 27.58 -12.68 -6.53
CA ILE D 29 27.67 -13.16 -7.90
C ILE D 29 29.03 -12.86 -8.55
N ALA D 30 29.78 -11.86 -8.06
CA ALA D 30 31.10 -11.54 -8.60
C ALA D 30 32.10 -12.58 -8.14
N VAL D 31 32.01 -13.04 -6.88
CA VAL D 31 32.88 -14.10 -6.38
C VAL D 31 32.56 -15.40 -7.14
N HIS D 32 31.28 -15.76 -7.19
CA HIS D 32 30.81 -16.95 -7.91
C HIS D 32 31.27 -16.97 -9.39
N TYR D 33 31.28 -15.81 -10.06
CA TYR D 33 31.69 -15.63 -11.46
C TYR D 33 33.18 -15.82 -11.62
N LEU D 34 33.98 -15.22 -10.72
CA LEU D 34 35.44 -15.28 -10.74
C LEU D 34 35.97 -16.67 -10.38
N ASP D 35 35.22 -17.44 -9.56
CA ASP D 35 35.61 -18.80 -9.23
C ASP D 35 35.40 -19.67 -10.49
N GLU D 36 34.21 -19.57 -11.15
CA GLU D 36 33.89 -20.38 -12.32
C GLU D 36 34.76 -20.06 -13.51
N THR D 37 34.88 -18.78 -13.87
CA THR D 37 35.71 -18.38 -15.01
C THR D 37 37.21 -18.40 -14.70
N GLU D 38 37.59 -18.57 -13.41
CA GLU D 38 38.96 -18.66 -12.94
C GLU D 38 39.77 -17.44 -13.28
N GLN D 39 39.21 -16.26 -12.95
CA GLN D 39 39.90 -15.01 -13.24
C GLN D 39 40.48 -14.34 -11.99
N TRP D 40 40.73 -15.10 -10.92
CA TRP D 40 41.30 -14.56 -9.70
C TRP D 40 42.76 -14.19 -9.85
N GLU D 41 43.47 -14.81 -10.79
CA GLU D 41 44.90 -14.58 -11.03
C GLU D 41 45.10 -13.17 -11.60
N LYS D 42 44.27 -12.78 -12.60
CA LYS D 42 44.32 -11.45 -13.23
C LYS D 42 43.84 -10.43 -12.20
N PHE D 43 42.59 -10.59 -11.67
CA PHE D 43 42.02 -9.82 -10.55
C PHE D 43 42.88 -10.14 -9.30
N GLY D 44 42.87 -9.31 -8.27
CA GLY D 44 43.67 -9.58 -7.08
C GLY D 44 43.45 -10.94 -6.41
N LEU D 45 44.44 -11.86 -6.44
CA LEU D 45 44.32 -13.15 -5.75
C LEU D 45 44.01 -12.98 -4.25
N GLU D 46 44.71 -12.04 -3.56
CA GLU D 46 44.51 -11.74 -2.14
C GLU D 46 43.08 -11.26 -1.81
N LYS D 47 42.40 -10.67 -2.81
CA LYS D 47 41.07 -10.09 -2.68
C LYS D 47 39.95 -11.09 -2.47
N ARG D 48 40.20 -12.39 -2.68
CA ARG D 48 39.14 -13.38 -2.52
C ARG D 48 38.67 -13.53 -1.09
N GLN D 49 39.62 -13.61 -0.15
CA GLN D 49 39.27 -13.74 1.27
C GLN D 49 38.49 -12.54 1.79
N GLY D 50 38.86 -11.34 1.35
CA GLY D 50 38.20 -10.11 1.74
C GLY D 50 36.78 -10.04 1.23
N ALA D 51 36.53 -10.61 0.04
CA ALA D 51 35.19 -10.64 -0.54
C ALA D 51 34.31 -11.63 0.20
N LEU D 52 34.85 -12.77 0.65
CA LEU D 52 34.07 -13.75 1.40
C LEU D 52 33.60 -13.15 2.72
N GLU D 53 34.46 -12.35 3.39
CA GLU D 53 34.10 -11.71 4.65
C GLU D 53 32.97 -10.70 4.46
N LEU D 54 32.94 -10.00 3.32
CA LEU D 54 31.85 -9.07 3.02
C LEU D 54 30.54 -9.83 2.78
N ILE D 55 30.60 -11.02 2.13
CA ILE D 55 29.43 -11.87 1.88
C ILE D 55 28.90 -12.46 3.19
N LYS D 56 29.80 -12.81 4.11
CA LYS D 56 29.45 -13.30 5.43
C LYS D 56 28.81 -12.16 6.24
N LYS D 57 29.32 -10.92 6.08
CA LYS D 57 28.83 -9.68 6.69
C LYS D 57 27.43 -9.38 6.17
N GLY D 58 27.19 -9.58 4.88
CA GLY D 58 25.87 -9.38 4.29
C GLY D 58 24.89 -10.43 4.77
N TYR D 59 25.35 -11.67 4.90
CA TYR D 59 24.50 -12.75 5.39
C TYR D 59 24.09 -12.49 6.84
N THR D 60 25.07 -12.24 7.75
CA THR D 60 24.86 -11.95 9.18
C THR D 60 23.99 -10.72 9.42
N GLN D 61 24.21 -9.62 8.68
CA GLN D 61 23.38 -8.42 8.79
C GLN D 61 21.94 -8.67 8.29
N GLN D 62 21.72 -9.63 7.37
CA GLN D 62 20.37 -9.93 6.88
C GLN D 62 19.56 -10.67 7.94
N LEU D 63 20.23 -11.49 8.79
CA LEU D 63 19.53 -12.21 9.86
C LEU D 63 18.86 -11.28 10.87
N ALA D 64 19.20 -9.99 10.86
CA ALA D 64 18.57 -9.00 11.72
C ALA D 64 17.12 -8.71 11.27
N PHE D 65 16.78 -9.07 10.01
CA PHE D 65 15.49 -8.88 9.35
C PHE D 65 14.69 -10.18 9.18
N ARG D 66 15.20 -11.32 9.68
CA ARG D 66 14.50 -12.60 9.64
C ARG D 66 13.44 -12.55 10.74
N GLN D 67 12.18 -12.72 10.36
CA GLN D 67 11.07 -12.63 11.31
C GLN D 67 10.84 -13.95 12.08
N PRO D 68 10.07 -13.96 13.20
CA PRO D 68 9.80 -15.24 13.89
C PRO D 68 9.18 -16.31 12.97
N SER D 69 8.58 -15.89 11.83
CA SER D 69 7.96 -16.74 10.81
C SER D 69 8.93 -17.26 9.75
N SER D 70 10.24 -16.96 9.88
CA SER D 70 11.29 -17.28 8.93
C SER D 70 11.21 -16.49 7.61
N ALA D 71 10.32 -15.47 7.55
CA ALA D 71 10.14 -14.63 6.38
C ALA D 71 10.89 -13.32 6.51
N PHE D 72 11.20 -12.70 5.37
CA PHE D 72 11.95 -11.44 5.32
C PHE D 72 11.09 -10.24 4.91
N ALA D 73 11.41 -9.07 5.45
CA ALA D 73 10.81 -7.77 5.15
C ALA D 73 11.91 -6.69 5.33
N ALA D 74 11.70 -5.47 4.79
CA ALA D 74 12.67 -4.37 4.90
C ALA D 74 12.94 -4.06 6.36
N PHE D 75 11.89 -4.00 7.21
CA PHE D 75 12.02 -3.80 8.64
C PHE D 75 11.19 -4.84 9.42
N VAL D 76 11.60 -5.17 10.63
CA VAL D 76 11.00 -6.22 11.44
C VAL D 76 9.49 -6.00 11.71
N LYS D 77 9.04 -4.75 11.87
CA LYS D 77 7.62 -4.48 12.12
C LYS D 77 6.78 -4.35 10.83
N ARG D 78 7.36 -4.66 9.66
CA ARG D 78 6.67 -4.58 8.38
C ARG D 78 6.28 -5.99 7.95
N ALA D 79 5.10 -6.12 7.30
CA ALA D 79 4.58 -7.38 6.78
C ALA D 79 5.61 -8.06 5.86
N PRO D 80 5.80 -9.38 6.01
CA PRO D 80 6.82 -10.06 5.18
C PRO D 80 6.50 -10.10 3.69
N SER D 81 7.57 -10.03 2.91
CA SER D 81 7.47 -10.02 1.47
C SER D 81 7.80 -11.37 0.93
N THR D 82 6.96 -11.88 0.02
CA THR D 82 7.09 -13.16 -0.68
C THR D 82 8.25 -13.05 -1.66
N TRP D 83 8.36 -11.92 -2.40
CA TRP D 83 9.45 -11.70 -3.34
C TRP D 83 10.75 -11.61 -2.55
N LEU D 84 10.79 -10.80 -1.46
CA LEU D 84 12.01 -10.65 -0.68
C LEU D 84 12.50 -11.96 -0.10
N THR D 85 11.61 -12.77 0.47
CA THR D 85 11.94 -14.08 1.05
C THR D 85 12.51 -15.01 -0.02
N ALA D 86 11.86 -15.07 -1.19
CA ALA D 86 12.30 -15.90 -2.32
C ALA D 86 13.68 -15.41 -2.84
N TYR D 87 13.91 -14.09 -2.83
CA TYR D 87 15.18 -13.53 -3.26
C TYR D 87 16.28 -13.89 -2.30
N VAL D 88 16.02 -13.82 -0.98
CA VAL D 88 16.99 -14.18 0.06
C VAL D 88 17.39 -15.66 -0.13
N VAL D 89 16.39 -16.54 -0.35
CA VAL D 89 16.60 -17.97 -0.64
C VAL D 89 17.41 -18.16 -1.94
N LYS D 90 17.16 -17.35 -2.96
CA LYS D 90 17.87 -17.40 -4.23
C LYS D 90 19.34 -17.00 -4.07
N VAL D 91 19.63 -15.95 -3.28
CA VAL D 91 20.98 -15.47 -3.08
C VAL D 91 21.75 -16.38 -2.15
N PHE D 92 21.10 -16.84 -1.08
CA PHE D 92 21.70 -17.74 -0.09
C PHE D 92 21.90 -19.17 -0.64
N SER D 93 21.12 -19.61 -1.65
CA SER D 93 21.26 -20.92 -2.31
C SER D 93 22.58 -20.99 -3.12
N LEU D 94 22.96 -19.86 -3.73
CA LEU D 94 24.18 -19.70 -4.53
C LEU D 94 25.41 -19.42 -3.62
N ALA D 95 25.19 -18.91 -2.39
CA ALA D 95 26.29 -18.63 -1.47
C ALA D 95 26.64 -19.79 -0.54
N VAL D 96 26.03 -20.98 -0.70
CA VAL D 96 26.36 -22.12 0.16
C VAL D 96 27.79 -22.60 -0.08
N ASN D 97 28.29 -22.51 -1.33
CA ASN D 97 29.67 -22.91 -1.68
C ASN D 97 30.72 -21.85 -1.25
N LEU D 98 30.28 -20.61 -1.06
CA LEU D 98 31.13 -19.50 -0.69
C LEU D 98 31.23 -19.33 0.83
N ILE D 99 30.10 -19.17 1.53
CA ILE D 99 30.10 -18.97 2.98
C ILE D 99 29.20 -19.99 3.70
N ALA D 100 29.37 -20.12 5.02
CA ALA D 100 28.52 -20.98 5.82
C ALA D 100 27.10 -20.38 5.94
N ILE D 101 26.11 -21.05 5.39
CA ILE D 101 24.71 -20.61 5.46
C ILE D 101 23.98 -21.55 6.44
N ASP D 102 23.18 -21.00 7.35
CA ASP D 102 22.41 -21.82 8.29
C ASP D 102 21.29 -22.49 7.52
N SER D 103 21.19 -23.82 7.61
CA SER D 103 20.17 -24.57 6.88
C SER D 103 18.77 -24.32 7.42
N GLN D 104 18.62 -24.05 8.72
CA GLN D 104 17.31 -23.76 9.30
C GLN D 104 16.79 -22.39 8.83
N VAL D 105 17.69 -21.43 8.62
CA VAL D 105 17.33 -20.09 8.16
C VAL D 105 16.78 -20.17 6.75
N LEU D 106 17.49 -20.89 5.87
CA LEU D 106 17.11 -21.06 4.48
C LEU D 106 15.86 -21.93 4.32
N CYS D 107 15.82 -23.07 5.00
CA CYS D 107 14.69 -23.99 4.88
C CYS D 107 13.44 -23.54 5.63
N GLY D 108 13.57 -22.61 6.57
CA GLY D 108 12.42 -22.03 7.23
C GLY D 108 11.72 -21.08 6.28
N ALA D 109 12.51 -20.32 5.50
CA ALA D 109 12.03 -19.38 4.50
C ALA D 109 11.32 -20.11 3.36
N VAL D 110 11.90 -21.25 2.93
CA VAL D 110 11.34 -22.08 1.87
C VAL D 110 10.00 -22.64 2.34
N LYS D 111 9.93 -23.16 3.57
CA LYS D 111 8.68 -23.72 4.11
C LYS D 111 7.61 -22.63 4.33
N TRP D 112 8.03 -21.42 4.70
CA TRP D 112 7.10 -20.29 4.87
C TRP D 112 6.46 -19.96 3.51
N LEU D 113 7.25 -20.00 2.41
CA LEU D 113 6.78 -19.70 1.07
C LEU D 113 5.71 -20.70 0.63
N ILE D 114 5.95 -21.99 0.93
CA ILE D 114 5.07 -23.10 0.58
C ILE D 114 3.81 -23.12 1.43
N LEU D 115 3.94 -22.99 2.74
CA LEU D 115 2.82 -23.07 3.65
C LEU D 115 1.97 -21.80 3.71
N GLU D 116 2.60 -20.64 3.72
CA GLU D 116 1.90 -19.37 3.83
C GLU D 116 1.50 -18.73 2.53
N LYS D 117 2.43 -18.67 1.55
CA LYS D 117 2.18 -17.91 0.33
C LYS D 117 1.83 -18.67 -0.97
N GLN D 118 1.82 -20.01 -0.99
CA GLN D 118 1.43 -20.71 -2.22
C GLN D 118 -0.05 -21.04 -2.22
N LYS D 119 -0.77 -20.48 -3.18
CA LYS D 119 -2.21 -20.72 -3.28
C LYS D 119 -2.50 -22.17 -3.67
N PRO D 120 -3.67 -22.70 -3.31
CA PRO D 120 -4.00 -24.09 -3.67
C PRO D 120 -3.77 -24.48 -5.15
N ASP D 121 -3.81 -23.49 -6.09
CA ASP D 121 -3.60 -23.70 -7.53
C ASP D 121 -2.12 -23.67 -7.99
N GLY D 122 -1.20 -23.52 -7.03
CA GLY D 122 0.24 -23.47 -7.26
C GLY D 122 0.85 -22.08 -7.42
N VAL D 123 0.01 -21.03 -7.42
CA VAL D 123 0.47 -19.64 -7.59
C VAL D 123 0.99 -18.99 -6.29
N PHE D 124 2.19 -18.42 -6.35
CA PHE D 124 2.78 -17.72 -5.20
C PHE D 124 2.20 -16.29 -5.13
N GLN D 125 1.84 -15.84 -3.92
CA GLN D 125 1.18 -14.56 -3.76
C GLN D 125 1.98 -13.55 -2.95
N GLU D 126 2.02 -12.31 -3.43
CA GLU D 126 2.71 -11.24 -2.74
C GLU D 126 1.67 -10.35 -2.07
N ASP D 127 1.60 -10.41 -0.75
CA ASP D 127 0.66 -9.60 0.01
C ASP D 127 1.29 -8.32 0.60
N ALA D 128 2.61 -8.13 0.50
CA ALA D 128 3.28 -6.92 0.98
C ALA D 128 4.48 -6.64 0.11
N PRO D 129 4.26 -5.96 -1.04
CA PRO D 129 5.37 -5.69 -1.97
C PRO D 129 6.57 -4.96 -1.40
N VAL D 130 7.74 -5.04 -2.07
CA VAL D 130 8.94 -4.37 -1.61
C VAL D 130 8.85 -2.87 -1.90
N ILE D 131 9.48 -2.07 -1.04
CA ILE D 131 9.52 -0.61 -1.19
C ILE D 131 10.44 -0.29 -2.37
N HIS D 132 11.63 -0.92 -2.42
CA HIS D 132 12.55 -0.69 -3.52
C HIS D 132 12.11 -1.48 -4.73
N GLN D 133 11.22 -0.90 -5.56
CA GLN D 133 10.76 -1.60 -6.76
C GLN D 133 11.85 -1.76 -7.84
N GLU D 134 12.98 -1.05 -7.71
CA GLU D 134 14.06 -1.14 -8.68
C GLU D 134 14.87 -2.45 -8.53
N MET D 135 14.76 -3.16 -7.38
CA MET D 135 15.51 -4.39 -7.17
C MET D 135 14.84 -5.68 -7.69
N ILE D 136 13.62 -5.56 -8.24
CA ILE D 136 12.88 -6.71 -8.72
C ILE D 136 12.95 -6.91 -10.27
N GLY D 137 13.47 -5.92 -10.99
CA GLY D 137 13.65 -5.98 -12.43
C GLY D 137 12.37 -6.06 -13.24
N GLY D 138 12.32 -7.00 -14.18
CA GLY D 138 11.18 -7.21 -15.06
C GLY D 138 9.88 -7.54 -14.37
N LEU D 139 9.92 -7.88 -13.09
CA LEU D 139 8.73 -8.12 -12.30
C LEU D 139 7.95 -6.82 -12.06
N ARG D 140 8.61 -5.66 -12.12
CA ARG D 140 8.05 -4.34 -11.88
C ARG D 140 6.84 -4.00 -12.75
N ASN D 141 6.90 -4.27 -14.08
CA ASN D 141 5.78 -4.07 -15.01
C ASN D 141 4.68 -5.06 -14.55
N ASN D 142 3.70 -4.54 -13.78
CA ASN D 142 2.67 -5.35 -13.11
C ASN D 142 2.13 -6.53 -13.92
N ASN D 143 1.68 -6.31 -15.19
CA ASN D 143 1.10 -7.31 -16.11
C ASN D 143 1.69 -8.70 -15.97
N GLU D 144 0.86 -9.75 -15.97
CA GLU D 144 1.27 -11.15 -15.77
C GLU D 144 1.97 -11.39 -14.42
N LYS D 145 1.48 -10.75 -13.33
CA LYS D 145 2.07 -10.92 -12.00
C LYS D 145 2.08 -12.36 -11.50
N ASP D 146 0.95 -13.07 -11.59
CA ASP D 146 0.88 -14.45 -11.12
C ASP D 146 1.85 -15.37 -11.84
N MET D 147 2.04 -15.18 -13.13
CA MET D 147 2.94 -16.01 -13.92
C MET D 147 4.40 -15.71 -13.64
N ALA D 148 4.78 -14.43 -13.64
CA ALA D 148 6.17 -14.03 -13.43
C ALA D 148 6.64 -14.24 -11.99
N LEU D 149 5.78 -13.95 -10.99
CA LEU D 149 6.18 -14.14 -9.59
C LEU D 149 6.24 -15.64 -9.27
N THR D 150 5.35 -16.46 -9.84
CA THR D 150 5.39 -17.90 -9.61
C THR D 150 6.63 -18.53 -10.23
N ALA D 151 7.12 -17.98 -11.37
CA ALA D 151 8.35 -18.46 -12.00
C ALA D 151 9.51 -18.06 -11.10
N PHE D 152 9.55 -16.81 -10.62
CA PHE D 152 10.59 -16.35 -9.72
C PHE D 152 10.73 -17.24 -8.45
N VAL D 153 9.66 -17.38 -7.63
CA VAL D 153 9.69 -18.18 -6.41
C VAL D 153 10.06 -19.64 -6.66
N LEU D 154 9.50 -20.23 -7.71
CA LEU D 154 9.78 -21.62 -8.08
C LEU D 154 11.25 -21.82 -8.50
N ILE D 155 11.89 -20.81 -9.11
CA ILE D 155 13.31 -20.88 -9.48
C ILE D 155 14.16 -20.91 -8.19
N SER D 156 13.77 -20.10 -7.18
CA SER D 156 14.42 -20.02 -5.87
C SER D 156 14.26 -21.34 -5.13
N LEU D 157 13.09 -21.99 -5.23
CA LEU D 157 12.83 -23.28 -4.57
C LEU D 157 13.64 -24.38 -5.23
N GLN D 158 13.75 -24.35 -6.57
CA GLN D 158 14.52 -25.34 -7.29
C GLN D 158 16.00 -25.23 -6.97
N GLU D 159 16.48 -24.02 -6.74
CA GLU D 159 17.87 -23.79 -6.39
C GLU D 159 18.17 -24.18 -4.93
N ALA D 160 17.14 -24.21 -4.06
CA ALA D 160 17.28 -24.61 -2.65
C ALA D 160 16.80 -26.05 -2.37
N LYS D 161 16.35 -26.77 -3.40
CA LYS D 161 15.78 -28.11 -3.34
C LYS D 161 16.67 -29.15 -2.66
N ASP D 162 17.92 -29.30 -3.11
CA ASP D 162 18.84 -30.29 -2.53
C ASP D 162 19.20 -29.99 -1.07
N ILE D 163 19.25 -28.70 -0.72
CA ILE D 163 19.58 -28.28 0.63
C ILE D 163 18.42 -28.54 1.61
N CYS D 164 17.19 -28.30 1.15
CA CYS D 164 16.01 -28.38 1.99
C CYS D 164 15.06 -29.55 1.75
N GLU D 165 15.43 -30.54 0.92
CA GLU D 165 14.55 -31.67 0.62
C GLU D 165 14.19 -32.46 1.88
N GLU D 166 15.16 -32.64 2.77
CA GLU D 166 14.98 -33.40 4.01
C GLU D 166 14.29 -32.62 5.14
N GLN D 167 14.39 -31.28 5.13
CA GLN D 167 13.79 -30.45 6.17
C GLN D 167 12.37 -29.96 5.79
N VAL D 168 12.14 -29.76 4.49
CA VAL D 168 10.84 -29.29 4.01
C VAL D 168 10.21 -30.45 3.25
N ASN D 169 9.35 -31.22 3.90
CA ASN D 169 8.72 -32.38 3.25
C ASN D 169 7.75 -31.99 2.10
N SER D 170 7.16 -30.80 2.20
CA SER D 170 6.25 -30.33 1.16
C SER D 170 6.92 -29.66 -0.04
N LEU D 171 8.26 -29.62 -0.08
CA LEU D 171 8.99 -29.00 -1.18
C LEU D 171 8.81 -29.69 -2.52
N PRO D 172 8.96 -31.03 -2.61
CA PRO D 172 8.78 -31.69 -3.90
C PRO D 172 7.42 -31.42 -4.58
N GLY D 173 6.33 -31.56 -3.83
CA GLY D 173 4.98 -31.33 -4.34
C GLY D 173 4.68 -29.88 -4.65
N SER D 174 5.31 -28.96 -3.92
CA SER D 174 5.17 -27.52 -4.13
C SER D 174 5.76 -27.15 -5.48
N ILE D 175 6.92 -27.72 -5.81
CA ILE D 175 7.61 -27.46 -7.05
C ILE D 175 6.76 -27.90 -8.24
N THR D 176 6.17 -29.11 -8.20
CA THR D 176 5.37 -29.61 -9.30
C THR D 176 4.07 -28.85 -9.46
N LYS D 177 3.44 -28.41 -8.35
CA LYS D 177 2.16 -27.67 -8.36
C LYS D 177 2.35 -26.29 -9.00
N ALA D 178 3.46 -25.62 -8.69
CA ALA D 178 3.79 -24.33 -9.27
C ALA D 178 4.14 -24.50 -10.75
N GLY D 179 4.80 -25.61 -11.10
CA GLY D 179 5.15 -25.94 -12.49
C GLY D 179 3.94 -26.31 -13.33
N ASP D 180 2.86 -26.82 -12.69
CA ASP D 180 1.61 -27.19 -13.34
C ASP D 180 0.92 -25.92 -13.85
N PHE D 181 0.84 -24.87 -13.01
CA PHE D 181 0.23 -23.58 -13.33
C PHE D 181 0.97 -22.90 -14.48
N LEU D 182 2.31 -22.94 -14.45
CA LEU D 182 3.16 -22.29 -15.44
C LEU D 182 3.01 -22.98 -16.79
N GLU D 183 2.98 -24.32 -16.77
CA GLU D 183 2.86 -25.14 -17.97
C GLU D 183 1.47 -24.94 -18.62
N ALA D 184 0.40 -24.89 -17.80
CA ALA D 184 -0.96 -24.69 -18.26
C ALA D 184 -1.22 -23.31 -18.89
N ASN D 185 -0.58 -22.25 -18.39
CA ASN D 185 -0.82 -20.90 -18.91
C ASN D 185 0.37 -20.33 -19.70
N TYR D 186 1.35 -21.16 -20.06
CA TYR D 186 2.54 -20.71 -20.78
C TYR D 186 2.25 -20.18 -22.17
N MET D 187 1.51 -20.94 -22.99
CA MET D 187 1.17 -20.64 -24.38
C MET D 187 0.40 -19.33 -24.59
N ASN D 188 -0.20 -18.79 -23.53
CA ASN D 188 -0.95 -17.54 -23.57
C ASN D 188 -0.12 -16.31 -23.18
N LEU D 189 1.18 -16.47 -22.83
CA LEU D 189 2.06 -15.35 -22.45
C LEU D 189 2.36 -14.42 -23.61
N GLN D 190 2.31 -13.10 -23.36
CA GLN D 190 2.54 -12.08 -24.36
C GLN D 190 3.89 -11.37 -24.19
N ARG D 191 4.36 -11.25 -22.95
CA ARG D 191 5.62 -10.58 -22.61
C ARG D 191 6.79 -11.52 -22.80
N SER D 192 7.83 -11.10 -23.50
CA SER D 192 9.05 -11.91 -23.67
C SER D 192 9.75 -12.18 -22.34
N TYR D 193 9.62 -11.27 -21.36
CA TYR D 193 10.26 -11.45 -20.06
C TYR D 193 9.66 -12.66 -19.37
N THR D 194 8.33 -12.80 -19.40
CA THR D 194 7.67 -13.94 -18.73
C THR D 194 7.94 -15.26 -19.45
N VAL D 195 8.15 -15.21 -20.78
CA VAL D 195 8.45 -16.39 -21.56
C VAL D 195 9.81 -16.94 -21.13
N ALA D 196 10.80 -16.06 -20.91
CA ALA D 196 12.14 -16.42 -20.46
C ALA D 196 12.24 -16.86 -18.99
N ILE D 197 11.57 -16.16 -18.03
CA ILE D 197 11.61 -16.56 -16.62
C ILE D 197 10.81 -17.87 -16.36
N ALA D 198 9.61 -18.05 -17.00
CA ALA D 198 8.84 -19.30 -16.85
C ALA D 198 9.43 -20.45 -17.68
N GLY D 199 10.11 -20.11 -18.78
CA GLY D 199 10.81 -21.06 -19.64
C GLY D 199 11.89 -21.73 -18.84
N TYR D 200 12.75 -20.94 -18.18
CA TYR D 200 13.80 -21.44 -17.28
C TYR D 200 13.24 -22.23 -16.09
N ALA D 201 12.19 -21.72 -15.40
CA ALA D 201 11.55 -22.42 -14.28
C ALA D 201 11.06 -23.81 -14.70
N LEU D 202 10.50 -23.94 -15.92
CA LEU D 202 10.01 -25.20 -16.49
C LEU D 202 11.15 -26.09 -16.97
N ALA D 203 12.19 -25.48 -17.56
CA ALA D 203 13.39 -26.17 -18.05
C ALA D 203 14.11 -26.87 -16.89
N GLN D 204 14.14 -26.24 -15.70
CA GLN D 204 14.74 -26.79 -14.48
C GLN D 204 14.10 -28.13 -14.06
N MET D 205 12.83 -28.36 -14.45
CA MET D 205 12.11 -29.60 -14.15
C MET D 205 11.73 -30.42 -15.38
N GLY D 206 12.45 -30.24 -16.47
CA GLY D 206 12.25 -30.98 -17.71
C GLY D 206 10.88 -30.89 -18.36
N ARG D 207 10.19 -29.76 -18.20
CA ARG D 207 8.86 -29.58 -18.79
C ARG D 207 8.80 -28.45 -19.85
N LEU D 208 9.96 -27.88 -20.23
CA LEU D 208 9.98 -26.91 -21.31
C LEU D 208 10.31 -27.79 -22.53
N LYS D 209 9.25 -28.26 -23.21
CA LYS D 209 9.30 -29.15 -24.36
C LYS D 209 8.02 -29.03 -25.19
N GLY D 210 8.06 -29.53 -26.43
CA GLY D 210 6.92 -29.51 -27.33
C GLY D 210 6.55 -28.12 -27.80
N PRO D 211 5.25 -27.76 -27.67
CA PRO D 211 4.81 -26.42 -28.09
C PRO D 211 5.37 -25.31 -27.20
N LEU D 212 5.63 -25.63 -25.91
CA LEU D 212 6.20 -24.72 -24.91
C LEU D 212 7.63 -24.36 -25.33
N LEU D 213 8.41 -25.34 -25.83
CA LEU D 213 9.78 -25.12 -26.31
C LEU D 213 9.76 -24.33 -27.62
N ASN D 214 8.75 -24.55 -28.47
CA ASN D 214 8.63 -23.80 -29.72
C ASN D 214 8.35 -22.31 -29.44
N LYS D 215 7.39 -21.98 -28.55
CA LYS D 215 7.05 -20.60 -28.16
C LYS D 215 8.24 -19.90 -27.47
N PHE D 216 8.99 -20.65 -26.65
CA PHE D 216 10.17 -20.11 -25.99
C PHE D 216 11.22 -19.63 -27.03
N LEU D 217 11.63 -20.53 -27.96
CA LEU D 217 12.60 -20.21 -29.00
C LEU D 217 12.08 -19.23 -30.03
N THR D 218 10.74 -19.18 -30.24
CA THR D 218 10.00 -18.27 -31.16
C THR D 218 10.02 -16.83 -30.68
N THR D 219 9.92 -16.59 -29.36
CA THR D 219 9.88 -15.21 -28.84
C THR D 219 11.25 -14.50 -28.88
N ALA D 220 12.33 -15.23 -29.23
CA ALA D 220 13.67 -14.67 -29.35
C ALA D 220 13.79 -13.89 -30.64
N LYS D 221 13.97 -12.58 -30.53
CA LYS D 221 14.12 -11.72 -31.69
C LYS D 221 15.54 -11.90 -32.24
N ASP D 222 15.63 -12.18 -33.55
CA ASP D 222 16.88 -12.42 -34.28
C ASP D 222 17.68 -13.60 -33.77
N LYS D 223 17.02 -14.56 -33.07
CA LYS D 223 17.59 -15.77 -32.46
C LYS D 223 18.74 -15.46 -31.46
N ASN D 224 18.69 -14.29 -30.78
CA ASN D 224 19.77 -13.94 -29.85
C ASN D 224 19.32 -13.21 -28.57
N ARG D 225 18.08 -12.70 -28.52
CA ARG D 225 17.61 -12.00 -27.33
C ARG D 225 16.14 -12.16 -27.07
N TRP D 226 15.72 -12.04 -25.80
CA TRP D 226 14.31 -12.09 -25.44
C TRP D 226 13.97 -10.68 -25.04
N GLU D 227 13.72 -9.88 -26.06
CA GLU D 227 13.48 -8.46 -25.96
C GLU D 227 12.04 -8.11 -25.78
N ASP D 228 11.80 -7.16 -24.90
CA ASP D 228 10.50 -6.58 -24.68
C ASP D 228 10.63 -5.08 -24.91
N PRO D 229 9.66 -4.49 -25.64
CA PRO D 229 9.74 -3.03 -25.88
C PRO D 229 9.65 -2.25 -24.56
N GLY D 230 10.78 -1.69 -24.13
CA GLY D 230 10.85 -0.95 -22.88
C GLY D 230 12.26 -0.75 -22.33
N LYS D 231 12.55 -1.39 -21.20
CA LYS D 231 13.85 -1.25 -20.53
C LYS D 231 14.94 -2.20 -21.02
N GLN D 232 16.11 -1.64 -21.36
CA GLN D 232 17.28 -2.43 -21.76
C GLN D 232 17.83 -3.28 -20.61
N LEU D 233 17.52 -2.92 -19.35
CA LEU D 233 17.95 -3.69 -18.19
C LEU D 233 17.14 -4.99 -18.07
N TYR D 234 15.83 -4.91 -18.39
CA TYR D 234 14.90 -6.04 -18.34
C TYR D 234 15.25 -7.05 -19.42
N ASN D 235 15.62 -6.56 -20.61
CA ASN D 235 15.98 -7.41 -21.76
C ASN D 235 17.25 -8.23 -21.50
N VAL D 236 18.24 -7.67 -20.76
CA VAL D 236 19.47 -8.37 -20.39
C VAL D 236 19.17 -9.47 -19.36
N GLU D 237 18.25 -9.19 -18.42
CA GLU D 237 17.79 -10.08 -17.37
C GLU D 237 17.04 -11.24 -17.96
N ALA D 238 16.13 -10.98 -18.90
CA ALA D 238 15.31 -11.98 -19.57
C ALA D 238 16.17 -12.89 -20.44
N THR D 239 17.10 -12.32 -21.25
CA THR D 239 18.02 -13.10 -22.10
C THR D 239 19.01 -13.98 -21.24
N SER D 240 19.23 -13.62 -19.96
CA SER D 240 20.06 -14.36 -19.03
C SER D 240 19.29 -15.54 -18.44
N TYR D 241 18.01 -15.32 -18.11
CA TYR D 241 17.11 -16.40 -17.69
C TYR D 241 16.92 -17.38 -18.86
N ALA D 242 16.80 -16.86 -20.09
CA ALA D 242 16.65 -17.65 -21.31
C ALA D 242 17.93 -18.40 -21.68
N LEU D 243 19.12 -17.86 -21.36
CA LEU D 243 20.37 -18.57 -21.61
C LEU D 243 20.52 -19.71 -20.61
N LEU D 244 20.08 -19.52 -19.36
CA LEU D 244 20.13 -20.59 -18.36
C LEU D 244 19.19 -21.75 -18.73
N ALA D 245 18.07 -21.47 -19.46
CA ALA D 245 17.14 -22.49 -19.94
C ALA D 245 17.76 -23.22 -21.13
N LEU D 246 18.46 -22.48 -22.03
CA LEU D 246 19.16 -23.06 -23.18
C LEU D 246 20.26 -24.01 -22.72
N LEU D 247 20.96 -23.66 -21.62
CA LEU D 247 22.03 -24.51 -21.10
C LEU D 247 21.50 -25.76 -20.38
N GLN D 248 20.30 -25.66 -19.77
CA GLN D 248 19.57 -26.72 -19.06
C GLN D 248 18.98 -27.72 -20.10
N LEU D 249 18.50 -27.20 -21.23
CA LEU D 249 18.00 -28.02 -22.34
C LEU D 249 19.15 -28.73 -23.11
N LYS D 250 20.42 -28.40 -22.79
CA LYS D 250 21.62 -28.87 -23.47
C LYS D 250 21.52 -28.53 -24.96
N ASP D 251 21.02 -27.33 -25.28
CA ASP D 251 20.83 -26.86 -26.65
C ASP D 251 22.01 -25.99 -27.07
N PHE D 252 23.18 -26.59 -27.22
CA PHE D 252 24.41 -25.87 -27.57
C PHE D 252 24.52 -25.64 -29.08
N ASP D 253 23.39 -25.29 -29.69
CA ASP D 253 23.24 -24.95 -31.12
C ASP D 253 22.69 -23.50 -31.22
N PHE D 254 21.76 -23.14 -30.32
CA PHE D 254 21.12 -21.83 -30.20
C PHE D 254 21.92 -20.89 -29.28
N VAL D 255 22.70 -21.46 -28.32
CA VAL D 255 23.48 -20.74 -27.31
C VAL D 255 24.52 -19.74 -27.90
N PRO D 256 25.45 -20.10 -28.83
CA PRO D 256 26.45 -19.11 -29.27
C PRO D 256 25.95 -17.69 -29.63
N PRO D 257 24.91 -17.45 -30.49
CA PRO D 257 24.51 -16.05 -30.75
C PRO D 257 23.84 -15.33 -29.58
N VAL D 258 23.34 -16.08 -28.57
CA VAL D 258 22.73 -15.50 -27.37
C VAL D 258 23.83 -14.94 -26.49
N VAL D 259 24.89 -15.73 -26.23
CA VAL D 259 26.05 -15.29 -25.43
C VAL D 259 26.71 -14.10 -26.13
N ARG D 260 26.82 -14.15 -27.45
CA ARG D 260 27.39 -13.08 -28.27
C ARG D 260 26.66 -11.75 -28.01
N TRP D 261 25.32 -11.77 -28.00
CA TRP D 261 24.51 -10.58 -27.75
C TRP D 261 24.67 -10.09 -26.34
N LEU D 262 24.69 -10.98 -25.34
CA LEU D 262 24.87 -10.61 -23.93
C LEU D 262 26.22 -9.95 -23.71
N ASN D 263 27.27 -10.43 -24.42
CA ASN D 263 28.62 -9.88 -24.32
C ASN D 263 28.68 -8.54 -25.04
N GLU D 264 27.98 -8.41 -26.19
CA GLU D 264 27.89 -7.18 -26.99
C GLU D 264 27.27 -6.00 -26.23
N GLN D 265 26.46 -6.30 -25.20
CA GLN D 265 25.85 -5.29 -24.35
C GLN D 265 26.87 -4.58 -23.48
N ARG D 266 27.95 -5.31 -23.09
CA ARG D 266 29.05 -4.83 -22.25
C ARG D 266 28.50 -4.37 -20.92
N TYR D 267 27.75 -5.25 -20.30
CA TYR D 267 27.12 -4.95 -19.03
C TYR D 267 27.98 -5.46 -17.87
N TYR D 268 28.37 -4.58 -16.95
CA TYR D 268 29.20 -4.97 -15.82
C TYR D 268 28.52 -4.78 -14.47
N GLY D 269 27.19 -4.75 -14.43
CA GLY D 269 26.47 -4.61 -13.19
C GLY D 269 26.11 -3.17 -12.88
N GLY D 270 26.58 -2.67 -11.74
CA GLY D 270 26.33 -1.27 -11.40
C GLY D 270 25.36 -1.04 -10.28
N GLY D 271 25.09 0.23 -10.02
CA GLY D 271 24.24 0.68 -8.93
C GLY D 271 22.75 0.60 -9.15
N TYR D 272 22.07 1.77 -9.13
CA TYR D 272 20.62 1.91 -9.23
C TYR D 272 19.97 1.00 -10.28
N GLY D 273 19.01 0.21 -9.82
CA GLY D 273 18.19 -0.67 -10.64
C GLY D 273 18.82 -1.92 -11.19
N SER D 274 20.10 -2.15 -10.88
CA SER D 274 20.83 -3.28 -11.43
C SER D 274 20.81 -4.57 -10.63
N THR D 275 20.05 -4.66 -9.53
CA THR D 275 20.07 -5.88 -8.71
C THR D 275 19.79 -7.17 -9.49
N GLN D 276 18.70 -7.18 -10.31
CA GLN D 276 18.33 -8.38 -11.03
C GLN D 276 19.12 -8.64 -12.29
N ALA D 277 19.51 -7.59 -13.02
CA ALA D 277 20.28 -7.74 -14.24
C ALA D 277 21.71 -8.16 -13.93
N THR D 278 22.30 -7.69 -12.79
CA THR D 278 23.67 -8.01 -12.34
C THR D 278 23.72 -9.43 -11.85
N PHE D 279 22.71 -9.84 -11.05
CA PHE D 279 22.67 -11.21 -10.53
C PHE D 279 22.52 -12.21 -11.66
N MET D 280 21.62 -11.91 -12.61
CA MET D 280 21.33 -12.83 -13.69
C MET D 280 22.32 -12.84 -14.83
N VAL D 281 22.88 -11.69 -15.22
CA VAL D 281 23.86 -11.69 -16.32
C VAL D 281 25.11 -12.46 -15.92
N PHE D 282 25.50 -12.42 -14.65
CA PHE D 282 26.70 -13.11 -14.20
C PHE D 282 26.44 -14.56 -13.81
N GLN D 283 25.21 -14.88 -13.35
CA GLN D 283 24.87 -16.27 -13.06
C GLN D 283 24.83 -17.05 -14.40
N ALA D 284 24.24 -16.46 -15.46
CA ALA D 284 24.15 -17.08 -16.79
C ALA D 284 25.51 -17.18 -17.53
N LEU D 285 26.37 -16.14 -17.42
CA LEU D 285 27.68 -16.19 -18.07
C LEU D 285 28.62 -17.15 -17.34
N ALA D 286 28.51 -17.26 -16.01
CA ALA D 286 29.35 -18.22 -15.27
C ALA D 286 28.89 -19.66 -15.51
N GLN D 287 27.60 -19.86 -15.80
CA GLN D 287 27.06 -21.18 -16.09
C GLN D 287 27.46 -21.61 -17.52
N TYR D 288 27.47 -20.67 -18.47
CA TYR D 288 27.88 -20.94 -19.85
C TYR D 288 29.33 -21.44 -19.88
N GLN D 289 30.20 -20.80 -19.08
CA GLN D 289 31.62 -21.15 -18.97
C GLN D 289 31.78 -22.54 -18.32
N LYS D 290 30.93 -22.85 -17.32
CA LYS D 290 30.92 -24.14 -16.63
C LYS D 290 30.53 -25.29 -17.57
N ASP D 291 29.47 -25.10 -18.37
CA ASP D 291 28.99 -26.12 -19.32
C ASP D 291 29.85 -26.16 -20.60
C1 GOL E . 2.49 0.97 14.84
O1 GOL E . 3.17 1.10 16.08
C2 GOL E . 2.32 2.33 14.19
O2 GOL E . 1.55 2.20 13.00
C3 GOL E . 1.68 3.30 15.14
O3 GOL E . 2.26 4.59 15.02
C1 GOL F . -30.63 38.80 7.27
O1 GOL F . -31.40 38.17 6.27
C2 GOL F . -29.37 39.39 6.68
O2 GOL F . -29.69 40.14 5.52
C3 GOL F . -28.67 40.30 7.67
O3 GOL F . -27.50 40.86 7.06
C1 GOL G . -5.12 33.12 -4.73
O1 GOL G . -4.89 33.48 -6.09
C2 GOL G . -5.55 31.67 -4.60
O2 GOL G . -5.57 31.32 -3.21
C3 GOL G . -6.92 31.45 -5.20
O3 GOL G . -6.86 31.34 -6.62
C1 GOL H . 8.22 -21.51 8.50
O1 GOL H . 9.15 -22.21 9.32
C2 GOL H . 6.82 -21.60 9.04
O2 GOL H . 5.95 -20.82 8.22
C3 GOL H . 6.34 -23.03 9.05
O3 GOL H . 7.04 -23.81 10.02
C1 GOL I . 7.71 -7.47 -5.68
O1 GOL I . 7.43 -7.22 -4.32
C2 GOL I . 6.44 -7.75 -6.45
O2 GOL I . 6.10 -9.13 -6.35
C3 GOL I . 5.30 -6.89 -5.97
O3 GOL I . 5.57 -5.51 -6.16
C5 PG0 J . 20.99 -0.45 9.06
O2 PG0 J . 19.60 -0.60 9.30
C4 PG0 J . 19.33 -0.65 10.69
C3 PG0 J . 17.97 -0.15 11.09
O1 PG0 J . 16.93 -0.95 10.54
C2 PG0 J . 16.14 -1.62 11.53
C1 PG0 J . 14.80 -2.00 10.96
OTT PG0 J . 14.26 -3.17 11.57
#